data_4G9F
#
_entry.id   4G9F
#
_cell.length_a   57.406
_cell.length_b   71.312
_cell.length_c   109.566
_cell.angle_alpha   90.00
_cell.angle_beta   98.80
_cell.angle_gamma   90.00
#
_symmetry.space_group_name_H-M   'P 1 21 1'
#
loop_
_entity.id
_entity.type
_entity.pdbx_description
1 polymer 'HLA class I histocompatibility antigen, B-27 alpha chain'
2 polymer Beta-2-microglobulin
3 polymer 'Gag protein'
4 polymer 'alpha chain C12C TCR'
5 polymer 'beta chain C12C TCR'
6 non-polymer 'SULFATE ION'
7 water water
#
loop_
_entity_poly.entity_id
_entity_poly.type
_entity_poly.pdbx_seq_one_letter_code
_entity_poly.pdbx_strand_id
1 'polypeptide(L)'
;GSHSMRYFHTSVSRPGRGEPRFITVGYVDDTLFVRFDSDAASPREEPRAPWIEQEGPEYWDRETQICKAKAQTDREDLRT
LLRYYNQSEAGSHTLQNMYGCDVGPDGRLLRGYHQDAYDGKDYIALNEDLSSWTAADTAAQITQRKWEAARVAEQLRAYL
EGECVEWLRRYLENGKETLQRADPPKTHVTHHPISDHEATLRCWALGFYPAEITLTWQRDGEDQTQDTELVETRPAGDRT
FQKWAAVVVPSGEEQRYTCHVQHEGLPKPLTLRWEP
;
A
2 'polypeptide(L)'
;MIQRTPKIQVYSRHPAENGKSNFLNCYVSGFHPSDIEVDLLKNGERIEKVEHSDLSFSKDWSFYLLYYTEFTPTEKDEYA
CRVNHVTLSQPKIVKWDRDM
;
B
3 'polypeptide(L)' KRWIIMGLNK C
4 'polypeptide(L)'
;KITQTQPGMFVQEKEAVTLDCTYDTSDQSYGLFWYKQPSSGEMIFLIYQGSYDEQNATEGRYSLNFQKARKSANLVISAS
QLGDSAMYFCAMRDLRDNFNKFYFGSGTKLNVKPNIQNPDPAVYQLRDSKSSDKSVCLFTDFDSQTNVSQSKDSDVYITD
KCVLDMRSMDFKSNSAVAWSNKSDFACANAFNNSIIPEDTFFPS
;
D
5 'polypeptide(L)'
;NAGVTQTPKFQVLKTGQSMTLQCAQDMNHEYMSWYRQDPGMGLRLIHYSVGAGITDQGEVPNGYNVSRSTTEDFPLRLLS
AAPSQTSVYFCASREGLGGTEAFFGQGTRLTVVEDLNKVFPPEVAVFEPSEAEISHTQKATLVCLATGFYPDHVELSWWV
NGKEVHSGVCTDPQPLKEQPALNDSRYALSSRLRVSATFWQDPRNHFRCQVQFYGLSENDEWTQDRAKPVTQIVSAEAWG
RADASGLVPR
;
E
#
# COMPACT_ATOMS: atom_id res chain seq x y z
N GLY A 1 13.45 -36.06 15.45
CA GLY A 1 14.53 -35.10 15.64
C GLY A 1 14.14 -33.69 15.25
N SER A 2 14.75 -33.17 14.18
CA SER A 2 14.48 -31.85 13.64
C SER A 2 13.28 -31.89 12.71
N HIS A 3 12.55 -30.77 12.62
CA HIS A 3 11.40 -30.68 11.72
C HIS A 3 11.42 -29.35 11.05
N SER A 4 10.63 -29.19 9.99
CA SER A 4 10.59 -27.93 9.26
C SER A 4 9.22 -27.57 8.78
N MET A 5 9.00 -26.28 8.57
CA MET A 5 7.79 -25.79 7.92
C MET A 5 8.24 -24.89 6.78
N ARG A 6 7.67 -25.08 5.56
CA ARG A 6 8.04 -24.25 4.41
C ARG A 6 6.83 -23.87 3.59
N TYR A 7 6.83 -22.62 3.09
CA TYR A 7 5.87 -22.11 2.13
C TYR A 7 6.61 -21.82 0.84
N PHE A 8 6.10 -22.34 -0.28
CA PHE A 8 6.66 -22.15 -1.62
C PHE A 8 5.71 -21.35 -2.45
N HIS A 9 6.20 -20.44 -3.30
CA HIS A 9 5.32 -19.58 -4.12
C HIS A 9 5.94 -19.41 -5.49
N THR A 10 5.11 -19.55 -6.54
CA THR A 10 5.55 -19.32 -7.91
C THR A 10 4.54 -18.45 -8.62
N SER A 11 5.00 -17.35 -9.27
CA SER A 11 4.14 -16.54 -10.14
C SER A 11 4.77 -16.52 -11.52
N VAL A 12 3.96 -16.76 -12.55
CA VAL A 12 4.44 -16.82 -13.94
C VAL A 12 3.57 -15.89 -14.83
N SER A 13 4.18 -14.86 -15.43
CA SER A 13 3.44 -13.97 -16.34
C SER A 13 3.13 -14.69 -17.67
N ARG A 14 2.04 -14.29 -18.32
CA ARG A 14 1.62 -14.86 -19.59
C ARG A 14 1.08 -13.74 -20.51
N PRO A 15 2.00 -12.92 -21.08
CA PRO A 15 1.55 -11.76 -21.89
C PRO A 15 0.71 -12.16 -23.10
N GLY A 16 -0.39 -11.43 -23.27
CA GLY A 16 -1.32 -11.63 -24.37
C GLY A 16 -2.31 -12.77 -24.19
N ARG A 17 -2.41 -13.30 -22.94
CA ARG A 17 -3.32 -14.39 -22.57
C ARG A 17 -3.70 -14.39 -21.08
N GLY A 18 -4.11 -13.22 -20.60
CA GLY A 18 -4.55 -13.02 -19.22
C GLY A 18 -3.46 -12.54 -18.28
N GLU A 19 -3.76 -12.61 -16.98
CA GLU A 19 -2.84 -12.18 -15.91
C GLU A 19 -2.00 -13.38 -15.36
N PRO A 20 -0.94 -13.17 -14.52
CA PRO A 20 -0.10 -14.30 -14.08
C PRO A 20 -0.79 -15.43 -13.33
N ARG A 21 -0.23 -16.64 -13.49
CA ARG A 21 -0.66 -17.86 -12.81
C ARG A 21 0.15 -17.86 -11.48
N PHE A 22 -0.54 -18.02 -10.34
CA PHE A 22 0.07 -18.06 -9.02
C PHE A 22 -0.28 -19.37 -8.36
N ILE A 23 0.75 -20.09 -7.90
CA ILE A 23 0.62 -21.37 -7.19
C ILE A 23 1.49 -21.33 -5.93
N THR A 24 0.88 -21.62 -4.78
CA THR A 24 1.60 -21.72 -3.51
C THR A 24 1.26 -23.02 -2.81
N VAL A 25 2.23 -23.63 -2.16
CA VAL A 25 2.06 -24.88 -1.43
C VAL A 25 2.78 -24.75 -0.09
N GLY A 26 2.23 -25.41 0.93
CA GLY A 26 2.79 -25.43 2.27
C GLY A 26 3.15 -26.85 2.68
N TYR A 27 4.32 -27.00 3.30
CA TYR A 27 4.81 -28.31 3.76
C TYR A 27 5.22 -28.28 5.21
N VAL A 28 4.99 -29.41 5.89
CA VAL A 28 5.57 -29.74 7.19
C VAL A 28 6.45 -30.95 6.84
N ASP A 29 7.77 -30.81 7.02
CA ASP A 29 8.76 -31.81 6.61
C ASP A 29 8.47 -32.16 5.13
N ASP A 30 8.18 -33.43 4.80
CA ASP A 30 7.92 -33.86 3.42
C ASP A 30 6.45 -34.06 3.15
N THR A 31 5.59 -33.51 4.05
CA THR A 31 4.14 -33.64 3.90
C THR A 31 3.50 -32.33 3.43
N LEU A 32 2.86 -32.37 2.27
CA LEU A 32 2.08 -31.25 1.74
C LEU A 32 0.83 -31.10 2.64
N PHE A 33 0.49 -29.87 3.03
CA PHE A 33 -0.68 -29.71 3.91
C PHE A 33 -1.67 -28.63 3.48
N VAL A 34 -1.20 -27.66 2.69
CA VAL A 34 -2.05 -26.57 2.15
C VAL A 34 -1.60 -26.25 0.74
N ARG A 35 -2.53 -25.72 -0.07
CA ARG A 35 -2.28 -25.26 -1.43
C ARG A 35 -3.26 -24.15 -1.82
N PHE A 36 -2.85 -23.32 -2.76
CA PHE A 36 -3.66 -22.28 -3.40
C PHE A 36 -3.20 -22.16 -4.83
N ASP A 37 -4.16 -22.12 -5.76
CA ASP A 37 -3.90 -21.97 -7.20
C ASP A 37 -4.84 -20.89 -7.74
N SER A 38 -4.27 -19.83 -8.35
N SER A 38 -4.28 -19.83 -8.35
CA SER A 38 -5.02 -18.70 -8.91
CA SER A 38 -5.03 -18.71 -8.91
C SER A 38 -5.98 -19.13 -10.04
C SER A 38 -5.97 -19.11 -10.06
N ASP A 39 -5.74 -20.31 -10.65
CA ASP A 39 -6.56 -20.85 -11.73
C ASP A 39 -7.63 -21.84 -11.26
N ALA A 40 -7.84 -21.98 -9.93
CA ALA A 40 -8.89 -22.85 -9.39
C ALA A 40 -10.26 -22.18 -9.66
N ALA A 41 -11.36 -22.99 -9.76
CA ALA A 41 -12.72 -22.51 -10.05
C ALA A 41 -13.11 -21.27 -9.23
N SER A 42 -12.90 -21.33 -7.90
CA SER A 42 -13.10 -20.23 -6.96
C SER A 42 -11.88 -20.34 -6.02
N PRO A 43 -10.80 -19.53 -6.24
CA PRO A 43 -9.58 -19.74 -5.46
C PRO A 43 -9.67 -19.57 -3.95
N ARG A 44 -9.33 -20.65 -3.24
N ARG A 44 -9.30 -20.63 -3.22
CA ARG A 44 -9.32 -20.76 -1.77
CA ARG A 44 -9.24 -20.64 -1.75
C ARG A 44 -8.04 -21.49 -1.34
C ARG A 44 -8.02 -21.44 -1.35
N GLU A 45 -7.51 -21.19 -0.14
CA GLU A 45 -6.39 -21.95 0.44
C GLU A 45 -7.06 -23.30 0.88
N GLU A 46 -6.61 -24.42 0.32
CA GLU A 46 -7.20 -25.72 0.64
C GLU A 46 -6.34 -26.68 1.49
N PRO A 47 -6.99 -27.48 2.36
CA PRO A 47 -6.25 -28.52 3.10
C PRO A 47 -5.81 -29.64 2.18
N ARG A 48 -4.68 -30.24 2.52
CA ARG A 48 -4.12 -31.38 1.80
C ARG A 48 -3.56 -32.45 2.74
N ALA A 49 -3.79 -32.33 4.07
CA ALA A 49 -3.39 -33.31 5.10
C ALA A 49 -4.51 -33.43 6.16
N PRO A 50 -4.84 -34.62 6.75
CA PRO A 50 -5.96 -34.67 7.72
C PRO A 50 -5.78 -33.86 9.01
N TRP A 51 -4.53 -33.73 9.50
CA TRP A 51 -4.22 -32.98 10.73
C TRP A 51 -4.35 -31.46 10.61
N ILE A 52 -4.66 -30.93 9.40
CA ILE A 52 -4.87 -29.47 9.24
C ILE A 52 -6.36 -29.16 9.16
N GLU A 53 -7.17 -30.18 8.80
CA GLU A 53 -8.61 -30.06 8.61
C GLU A 53 -9.39 -29.54 9.82
N GLN A 54 -8.87 -29.73 11.03
CA GLN A 54 -9.53 -29.29 12.26
C GLN A 54 -9.35 -27.80 12.55
N GLU A 55 -8.56 -27.08 11.71
CA GLU A 55 -8.40 -25.63 11.87
C GLU A 55 -9.72 -24.98 11.49
N GLY A 56 -10.11 -23.97 12.28
CA GLY A 56 -11.40 -23.30 12.16
C GLY A 56 -11.62 -22.50 10.89
N PRO A 57 -12.87 -22.05 10.62
CA PRO A 57 -13.12 -21.26 9.40
C PRO A 57 -12.36 -19.92 9.35
N GLU A 58 -12.03 -19.34 10.52
N GLU A 58 -12.04 -19.34 10.53
CA GLU A 58 -11.24 -18.09 10.58
CA GLU A 58 -11.23 -18.11 10.64
C GLU A 58 -9.81 -18.34 10.07
C GLU A 58 -9.84 -18.37 10.02
N TYR A 59 -9.26 -19.56 10.30
CA TYR A 59 -7.94 -19.99 9.80
C TYR A 59 -7.96 -20.04 8.25
N TRP A 60 -8.93 -20.81 7.68
CA TRP A 60 -9.10 -20.94 6.24
C TRP A 60 -9.31 -19.61 5.52
N ASP A 61 -10.13 -18.69 6.08
CA ASP A 61 -10.33 -17.37 5.47
C ASP A 61 -9.04 -16.54 5.52
N ARG A 62 -8.30 -16.56 6.63
CA ARG A 62 -7.08 -15.75 6.73
C ARG A 62 -6.03 -16.25 5.74
N GLU A 63 -5.82 -17.57 5.68
CA GLU A 63 -4.80 -18.15 4.80
C GLU A 63 -5.09 -17.85 3.32
N THR A 64 -6.38 -17.92 2.96
CA THR A 64 -6.90 -17.55 1.65
C THR A 64 -6.55 -16.07 1.32
N GLN A 65 -6.80 -15.14 2.26
N GLN A 65 -6.80 -15.14 2.26
CA GLN A 65 -6.50 -13.72 2.04
CA GLN A 65 -6.52 -13.71 2.11
C GLN A 65 -5.01 -13.49 1.83
C GLN A 65 -5.03 -13.46 1.87
N ILE A 66 -4.17 -14.15 2.65
CA ILE A 66 -2.70 -14.03 2.54
C ILE A 66 -2.18 -14.49 1.17
N CYS A 67 -2.70 -15.62 0.63
CA CYS A 67 -2.30 -16.10 -0.71
C CYS A 67 -2.70 -15.17 -1.80
N LYS A 68 -3.93 -14.66 -1.71
CA LYS A 68 -4.47 -13.68 -2.66
C LYS A 68 -3.58 -12.42 -2.63
N ALA A 69 -3.18 -11.97 -1.42
CA ALA A 69 -2.31 -10.80 -1.25
C ALA A 69 -0.94 -11.05 -1.86
N LYS A 70 -0.40 -12.27 -1.72
CA LYS A 70 0.91 -12.63 -2.27
C LYS A 70 0.83 -12.64 -3.79
N ALA A 71 -0.22 -13.25 -4.37
CA ALA A 71 -0.46 -13.26 -5.82
C ALA A 71 -0.46 -11.84 -6.40
N GLN A 72 -1.16 -10.94 -5.71
CA GLN A 72 -1.28 -9.53 -6.11
C GLN A 72 0.06 -8.79 -6.03
N THR A 73 0.83 -8.97 -4.94
CA THR A 73 2.17 -8.37 -4.76
C THR A 73 3.09 -8.84 -5.87
N ASP A 74 3.01 -10.16 -6.20
CA ASP A 74 3.81 -10.75 -7.28
C ASP A 74 3.47 -10.15 -8.65
N ARG A 75 2.17 -9.91 -8.94
CA ARG A 75 1.76 -9.30 -10.21
C ARG A 75 2.41 -7.92 -10.38
N GLU A 76 2.36 -7.10 -9.33
CA GLU A 76 2.98 -5.77 -9.31
C GLU A 76 4.49 -5.89 -9.43
N ASP A 77 5.12 -6.81 -8.63
CA ASP A 77 6.58 -7.03 -8.66
C ASP A 77 7.03 -7.49 -10.03
N LEU A 78 6.24 -8.33 -10.75
CA LEU A 78 6.63 -8.73 -12.11
C LEU A 78 6.78 -7.50 -13.03
N ARG A 79 5.85 -6.52 -12.91
CA ARG A 79 5.89 -5.25 -13.68
C ARG A 79 7.12 -4.40 -13.28
N THR A 80 7.41 -4.28 -11.97
CA THR A 80 8.57 -3.51 -11.48
C THR A 80 9.88 -4.06 -12.04
N LEU A 81 10.04 -5.40 -12.02
CA LEU A 81 11.26 -6.09 -12.45
C LEU A 81 11.55 -5.96 -13.95
N LEU A 82 10.48 -5.73 -14.75
CA LEU A 82 10.61 -5.45 -16.19
C LEU A 82 11.32 -4.08 -16.32
N ARG A 83 10.96 -3.14 -15.44
CA ARG A 83 11.59 -1.83 -15.41
C ARG A 83 13.05 -1.94 -14.90
N TYR A 84 13.30 -2.68 -13.76
CA TYR A 84 14.67 -2.82 -13.22
C TYR A 84 15.64 -3.43 -14.21
N TYR A 85 15.20 -4.45 -14.97
CA TYR A 85 16.04 -5.18 -15.92
C TYR A 85 15.97 -4.70 -17.36
N ASN A 86 15.23 -3.59 -17.61
CA ASN A 86 14.97 -3.04 -18.95
C ASN A 86 14.47 -4.14 -19.89
N GLN A 87 13.47 -4.90 -19.41
CA GLN A 87 12.91 -6.01 -20.16
C GLN A 87 11.59 -5.64 -20.77
N SER A 88 11.29 -6.28 -21.89
CA SER A 88 10.05 -6.13 -22.66
C SER A 88 8.83 -6.67 -21.91
N GLU A 89 7.67 -6.00 -22.09
CA GLU A 89 6.37 -6.41 -21.52
C GLU A 89 5.82 -7.70 -22.23
N ALA A 90 6.44 -8.08 -23.36
CA ALA A 90 6.01 -9.22 -24.18
C ALA A 90 6.42 -10.60 -23.67
N GLY A 91 7.48 -10.68 -22.89
CA GLY A 91 8.00 -11.96 -22.44
C GLY A 91 7.40 -12.51 -21.16
N SER A 92 7.37 -13.85 -21.02
CA SER A 92 6.94 -14.53 -19.81
C SER A 92 8.10 -14.56 -18.79
N HIS A 93 7.82 -14.18 -17.55
CA HIS A 93 8.81 -14.15 -16.47
C HIS A 93 8.29 -14.84 -15.21
N THR A 94 9.22 -15.28 -14.33
CA THR A 94 8.93 -16.04 -13.11
C THR A 94 9.47 -15.38 -11.88
N LEU A 95 8.63 -15.31 -10.84
CA LEU A 95 9.03 -14.89 -9.50
C LEU A 95 8.76 -16.09 -8.57
N GLN A 96 9.77 -16.48 -7.78
CA GLN A 96 9.66 -17.59 -6.81
C GLN A 96 10.05 -17.10 -5.45
N ASN A 97 9.35 -17.58 -4.45
CA ASN A 97 9.67 -17.27 -3.06
C ASN A 97 9.52 -18.51 -2.18
N MET A 98 10.47 -18.68 -1.25
CA MET A 98 10.41 -19.73 -0.26
C MET A 98 10.70 -19.09 1.11
N TYR A 99 9.99 -19.52 2.15
CA TYR A 99 10.24 -19.07 3.52
C TYR A 99 9.85 -20.13 4.52
N GLY A 100 10.44 -20.07 5.70
CA GLY A 100 10.15 -21.04 6.71
C GLY A 100 11.14 -21.12 7.84
N CYS A 101 10.93 -22.12 8.67
CA CYS A 101 11.72 -22.34 9.87
C CYS A 101 12.00 -23.81 10.10
N ASP A 102 13.15 -24.08 10.76
CA ASP A 102 13.57 -25.43 11.21
C ASP A 102 13.61 -25.38 12.74
N VAL A 103 13.10 -26.44 13.39
CA VAL A 103 13.06 -26.59 14.86
C VAL A 103 13.82 -27.84 15.32
N GLY A 104 14.47 -27.75 16.46
CA GLY A 104 15.22 -28.87 17.03
C GLY A 104 14.31 -29.89 17.70
N PRO A 105 14.87 -31.00 18.25
CA PRO A 105 14.01 -32.01 18.92
C PRO A 105 13.24 -31.51 20.14
N ASP A 106 13.64 -30.34 20.68
CA ASP A 106 13.02 -29.67 21.81
C ASP A 106 11.88 -28.73 21.42
N GLY A 107 11.83 -28.34 20.14
CA GLY A 107 10.84 -27.41 19.60
C GLY A 107 11.32 -25.96 19.64
N ARG A 108 12.63 -25.78 19.53
CA ARG A 108 13.27 -24.47 19.53
C ARG A 108 13.83 -24.18 18.14
N LEU A 109 13.76 -22.92 17.71
CA LEU A 109 14.27 -22.49 16.40
C LEU A 109 15.73 -22.88 16.17
N LEU A 110 15.99 -23.55 15.04
CA LEU A 110 17.34 -23.88 14.62
C LEU A 110 17.78 -22.95 13.51
N ARG A 111 16.94 -22.79 12.47
N ARG A 111 16.95 -22.80 12.46
CA ARG A 111 17.23 -22.00 11.27
CA ARG A 111 17.22 -21.98 11.27
C ARG A 111 15.94 -21.40 10.72
C ARG A 111 15.93 -21.38 10.74
N GLY A 112 16.05 -20.18 10.17
CA GLY A 112 14.96 -19.44 9.54
C GLY A 112 15.35 -19.14 8.11
N TYR A 113 14.38 -19.00 7.22
CA TYR A 113 14.63 -18.78 5.79
C TYR A 113 13.61 -17.84 5.17
N HIS A 114 14.07 -17.07 4.18
CA HIS A 114 13.24 -16.22 3.33
C HIS A 114 14.06 -15.87 2.10
N GLN A 115 13.73 -16.48 0.97
CA GLN A 115 14.53 -16.23 -0.26
C GLN A 115 13.66 -16.01 -1.48
N ASP A 116 14.13 -15.12 -2.39
CA ASP A 116 13.43 -14.85 -3.64
C ASP A 116 14.33 -15.08 -4.84
N ALA A 117 13.73 -15.53 -5.94
CA ALA A 117 14.39 -15.77 -7.22
C ALA A 117 13.60 -15.18 -8.36
N TYR A 118 14.30 -14.67 -9.39
CA TYR A 118 13.67 -14.14 -10.58
C TYR A 118 14.22 -14.88 -11.79
N ASP A 119 13.33 -15.48 -12.60
CA ASP A 119 13.72 -16.26 -13.77
C ASP A 119 14.74 -17.39 -13.46
N GLY A 120 14.52 -18.09 -12.35
CA GLY A 120 15.34 -19.21 -11.91
C GLY A 120 16.67 -18.88 -11.26
N LYS A 121 16.94 -17.60 -11.01
CA LYS A 121 18.20 -17.15 -10.41
C LYS A 121 17.92 -16.43 -9.08
N ASP A 122 18.85 -16.53 -8.10
CA ASP A 122 18.73 -15.81 -6.81
C ASP A 122 18.52 -14.33 -7.06
N TYR A 123 17.58 -13.73 -6.35
CA TYR A 123 17.29 -12.30 -6.48
C TYR A 123 17.68 -11.60 -5.18
N ILE A 124 16.98 -11.92 -4.08
CA ILE A 124 17.31 -11.38 -2.75
C ILE A 124 17.02 -12.44 -1.70
N ALA A 125 17.86 -12.48 -0.66
CA ALA A 125 17.71 -13.47 0.41
C ALA A 125 17.96 -12.87 1.76
N LEU A 126 17.16 -13.31 2.74
CA LEU A 126 17.41 -12.97 4.14
C LEU A 126 18.63 -13.82 4.52
N ASN A 127 19.61 -13.20 5.17
CA ASN A 127 20.82 -13.90 5.64
C ASN A 127 20.47 -14.84 6.78
N GLU A 128 21.30 -15.90 6.98
CA GLU A 128 21.11 -16.92 8.01
C GLU A 128 20.90 -16.34 9.43
N ASP A 129 21.44 -15.11 9.67
CA ASP A 129 21.30 -14.38 10.94
C ASP A 129 19.93 -13.68 11.11
N LEU A 130 19.07 -13.77 10.07
CA LEU A 130 17.71 -13.21 10.08
C LEU A 130 17.67 -11.69 10.32
N SER A 131 18.75 -10.97 10.03
CA SER A 131 18.73 -9.54 10.27
C SER A 131 19.31 -8.69 9.16
N SER A 132 19.78 -9.31 8.09
CA SER A 132 20.36 -8.56 6.99
C SER A 132 20.03 -9.26 5.69
N TRP A 133 20.26 -8.59 4.57
CA TRP A 133 19.91 -9.14 3.25
C TRP A 133 21.13 -9.30 2.38
N THR A 134 21.05 -10.23 1.42
CA THR A 134 22.03 -10.42 0.35
C THR A 134 21.26 -10.25 -0.99
N ALA A 135 21.63 -9.22 -1.75
CA ALA A 135 21.06 -8.88 -3.07
C ALA A 135 22.00 -9.45 -4.13
N ALA A 136 21.46 -10.20 -5.09
CA ALA A 136 22.25 -10.88 -6.13
C ALA A 136 22.84 -9.96 -7.19
N ASP A 137 22.17 -8.86 -7.47
CA ASP A 137 22.57 -7.92 -8.51
C ASP A 137 22.14 -6.50 -8.17
N THR A 138 22.34 -5.55 -9.10
CA THR A 138 21.99 -4.14 -8.94
C THR A 138 20.49 -3.90 -8.87
N ALA A 139 19.66 -4.75 -9.53
CA ALA A 139 18.19 -4.60 -9.46
C ALA A 139 17.71 -4.98 -8.05
N ALA A 140 18.18 -6.13 -7.54
CA ALA A 140 17.86 -6.61 -6.18
C ALA A 140 18.33 -5.63 -5.11
N GLN A 141 19.36 -4.84 -5.45
CA GLN A 141 19.88 -3.80 -4.54
C GLN A 141 18.81 -2.72 -4.31
N ILE A 142 18.01 -2.39 -5.35
CA ILE A 142 16.90 -1.43 -5.25
C ILE A 142 15.90 -1.96 -4.21
N THR A 143 15.49 -3.25 -4.34
CA THR A 143 14.62 -3.92 -3.38
C THR A 143 15.23 -3.91 -1.97
N GLN A 144 16.51 -4.24 -1.85
CA GLN A 144 17.15 -4.28 -0.53
C GLN A 144 17.01 -2.93 0.21
N ARG A 145 17.24 -1.80 -0.49
CA ARG A 145 17.15 -0.46 0.09
C ARG A 145 15.74 -0.15 0.58
N LYS A 146 14.72 -0.60 -0.18
CA LYS A 146 13.30 -0.46 0.18
C LYS A 146 13.02 -1.28 1.44
N TRP A 147 13.41 -2.57 1.43
CA TRP A 147 13.15 -3.46 2.57
C TRP A 147 13.88 -3.07 3.82
N GLU A 148 15.06 -2.43 3.67
CA GLU A 148 15.82 -1.93 4.82
C GLU A 148 15.05 -0.73 5.41
N ALA A 149 14.55 0.15 4.54
CA ALA A 149 13.80 1.36 4.94
C ALA A 149 12.52 1.03 5.72
N ALA A 150 11.84 -0.07 5.36
CA ALA A 150 10.60 -0.52 5.99
C ALA A 150 10.84 -1.42 7.18
N ARG A 151 12.12 -1.71 7.50
CA ARG A 151 12.48 -2.61 8.60
C ARG A 151 11.78 -3.99 8.48
N VAL A 152 11.70 -4.49 7.23
CA VAL A 152 11.10 -5.79 6.92
C VAL A 152 11.78 -6.90 7.75
N ALA A 153 13.15 -6.93 7.77
CA ALA A 153 13.89 -8.01 8.42
C ALA A 153 13.49 -8.24 9.86
N GLU A 154 13.25 -7.16 10.62
CA GLU A 154 12.90 -7.27 12.05
C GLU A 154 11.58 -8.00 12.24
N GLN A 155 10.59 -7.65 11.41
CA GLN A 155 9.25 -8.22 11.46
C GLN A 155 9.22 -9.64 10.97
N LEU A 156 10.03 -9.94 9.93
CA LEU A 156 10.14 -11.28 9.40
C LEU A 156 10.87 -12.19 10.42
N ARG A 157 11.93 -11.71 11.06
CA ARG A 157 12.63 -12.49 12.11
C ARG A 157 11.64 -12.76 13.26
N ALA A 158 10.75 -11.77 13.58
CA ALA A 158 9.78 -11.96 14.67
C ALA A 158 8.80 -13.10 14.31
N TYR A 159 8.36 -13.16 13.03
CA TYR A 159 7.52 -14.25 12.52
C TYR A 159 8.26 -15.60 12.60
N LEU A 160 9.51 -15.67 12.05
CA LEU A 160 10.31 -16.90 12.01
C LEU A 160 10.57 -17.49 13.39
N GLU A 161 10.92 -16.62 14.36
CA GLU A 161 11.17 -17.01 15.76
C GLU A 161 9.89 -17.29 16.55
N GLY A 162 8.79 -16.61 16.19
CA GLY A 162 7.51 -16.69 16.90
C GLY A 162 6.48 -17.63 16.31
N GLU A 163 5.53 -17.10 15.52
CA GLU A 163 4.44 -17.87 14.88
C GLU A 163 4.91 -19.05 14.07
N CYS A 164 6.00 -18.90 13.27
CA CYS A 164 6.48 -20.02 12.47
C CYS A 164 6.78 -21.25 13.39
N VAL A 165 7.58 -21.02 14.44
CA VAL A 165 8.00 -22.03 15.42
C VAL A 165 6.78 -22.60 16.15
N GLU A 166 5.91 -21.73 16.65
CA GLU A 166 4.74 -22.16 17.44
C GLU A 166 3.70 -22.93 16.64
N TRP A 167 3.39 -22.48 15.42
CA TRP A 167 2.42 -23.22 14.60
C TRP A 167 2.98 -24.55 14.09
N LEU A 168 4.31 -24.62 13.84
CA LEU A 168 5.00 -25.85 13.41
C LEU A 168 4.86 -26.87 14.56
N ARG A 169 5.08 -26.40 15.80
CA ARG A 169 4.89 -27.21 17.01
C ARG A 169 3.48 -27.78 17.09
N ARG A 170 2.44 -26.93 16.91
CA ARG A 170 1.02 -27.31 16.93
C ARG A 170 0.70 -28.31 15.82
N TYR A 171 1.26 -28.08 14.60
CA TYR A 171 1.04 -29.02 13.50
C TYR A 171 1.68 -30.39 13.82
N LEU A 172 2.92 -30.37 14.36
CA LEU A 172 3.63 -31.61 14.74
C LEU A 172 2.86 -32.39 15.79
N GLU A 173 2.30 -31.68 16.79
CA GLU A 173 1.48 -32.30 17.82
C GLU A 173 0.20 -32.87 17.22
N ASN A 174 -0.55 -32.06 16.44
CA ASN A 174 -1.82 -32.49 15.84
C ASN A 174 -1.71 -33.66 14.86
N GLY A 175 -0.58 -33.72 14.17
CA GLY A 175 -0.31 -34.77 13.19
C GLY A 175 0.77 -35.74 13.64
N LYS A 176 0.99 -35.92 14.97
CA LYS A 176 2.04 -36.83 15.46
C LYS A 176 1.90 -38.26 14.99
N GLU A 177 0.65 -38.74 14.86
CA GLU A 177 0.34 -40.09 14.42
C GLU A 177 0.94 -40.42 13.03
N THR A 178 1.15 -39.38 12.18
CA THR A 178 1.70 -39.54 10.83
C THR A 178 3.01 -38.78 10.64
N LEU A 179 3.07 -37.51 11.04
CA LEU A 179 4.27 -36.67 10.91
C LEU A 179 5.42 -37.17 11.73
N GLN A 180 5.12 -37.79 12.87
CA GLN A 180 6.17 -38.24 13.78
C GLN A 180 6.32 -39.77 13.75
N ARG A 181 5.79 -40.42 12.71
CA ARG A 181 5.91 -41.85 12.50
C ARG A 181 6.81 -42.02 11.27
N ALA A 182 7.90 -42.76 11.40
CA ALA A 182 8.82 -42.99 10.28
C ALA A 182 8.54 -44.37 9.70
N ASP A 183 8.24 -44.43 8.37
CA ASP A 183 7.90 -45.64 7.66
C ASP A 183 9.14 -46.16 6.95
N PRO A 184 9.65 -47.33 7.41
CA PRO A 184 10.89 -47.85 6.83
C PRO A 184 10.73 -48.29 5.37
N PRO A 185 11.82 -48.25 4.60
CA PRO A 185 11.74 -48.75 3.22
C PRO A 185 11.54 -50.27 3.17
N LYS A 186 10.79 -50.77 2.15
CA LYS A 186 10.69 -52.19 1.82
C LYS A 186 11.90 -52.31 0.88
N THR A 187 12.82 -53.25 1.15
CA THR A 187 14.07 -53.30 0.37
C THR A 187 14.29 -54.62 -0.36
N HIS A 188 14.87 -54.55 -1.56
CA HIS A 188 15.22 -55.72 -2.37
C HIS A 188 16.34 -55.39 -3.36
N VAL A 189 17.00 -56.44 -3.87
CA VAL A 189 18.08 -56.29 -4.84
C VAL A 189 17.66 -57.01 -6.11
N THR A 190 17.76 -56.34 -7.26
CA THR A 190 17.49 -56.98 -8.57
C THR A 190 18.83 -57.17 -9.30
N HIS A 191 18.90 -58.17 -10.19
CA HIS A 191 20.12 -58.45 -10.97
C HIS A 191 19.73 -58.35 -12.43
N HIS A 192 20.50 -57.56 -13.19
CA HIS A 192 20.26 -57.34 -14.62
C HIS A 192 21.51 -57.66 -15.46
N PRO A 193 21.60 -58.88 -16.05
CA PRO A 193 22.76 -59.19 -16.91
C PRO A 193 22.83 -58.24 -18.10
N ILE A 194 24.01 -57.72 -18.34
CA ILE A 194 24.25 -56.85 -19.48
C ILE A 194 24.74 -57.78 -20.63
N SER A 195 25.85 -58.49 -20.36
CA SER A 195 26.59 -59.41 -21.23
C SER A 195 27.07 -60.61 -20.38
N ASP A 196 27.78 -61.59 -20.98
CA ASP A 196 28.31 -62.73 -20.22
C ASP A 196 29.47 -62.32 -19.30
N HIS A 197 29.82 -61.03 -19.34
CA HIS A 197 30.95 -60.46 -18.62
C HIS A 197 30.57 -59.53 -17.47
N GLU A 198 29.36 -58.95 -17.50
CA GLU A 198 28.91 -57.94 -16.53
C GLU A 198 27.42 -58.01 -16.26
N ALA A 199 27.04 -57.47 -15.08
CA ALA A 199 25.64 -57.37 -14.67
C ALA A 199 25.42 -56.11 -13.81
N THR A 200 24.18 -55.63 -13.78
CA THR A 200 23.81 -54.52 -12.89
C THR A 200 23.18 -55.09 -11.64
N LEU A 201 23.61 -54.64 -10.45
CA LEU A 201 22.98 -54.95 -9.18
C LEU A 201 22.28 -53.63 -8.81
N ARG A 202 20.96 -53.66 -8.62
CA ARG A 202 20.14 -52.49 -8.27
C ARG A 202 19.49 -52.77 -6.90
N CYS A 203 19.77 -51.90 -5.94
CA CYS A 203 19.23 -51.97 -4.59
C CYS A 203 18.04 -51.00 -4.49
N TRP A 204 16.84 -51.52 -4.22
CA TRP A 204 15.60 -50.75 -4.13
C TRP A 204 15.19 -50.42 -2.70
N ALA A 205 14.63 -49.22 -2.52
CA ALA A 205 14.05 -48.74 -1.26
C ALA A 205 12.66 -48.18 -1.61
N LEU A 206 11.59 -48.84 -1.13
CA LEU A 206 10.22 -48.46 -1.51
C LEU A 206 9.30 -48.17 -0.32
N GLY A 207 8.39 -47.23 -0.52
CA GLY A 207 7.35 -46.87 0.45
C GLY A 207 7.84 -46.26 1.76
N PHE A 208 8.93 -45.48 1.69
CA PHE A 208 9.49 -44.86 2.90
C PHE A 208 9.05 -43.44 3.13
N TYR A 209 9.11 -43.02 4.40
CA TYR A 209 8.78 -41.68 4.87
C TYR A 209 9.58 -41.44 6.16
N PRO A 210 10.29 -40.30 6.31
CA PRO A 210 10.43 -39.17 5.37
C PRO A 210 11.33 -39.48 4.17
N ALA A 211 11.52 -38.51 3.26
CA ALA A 211 12.33 -38.69 2.03
C ALA A 211 13.83 -38.98 2.27
N GLU A 212 14.42 -38.45 3.35
CA GLU A 212 15.83 -38.63 3.70
C GLU A 212 16.21 -40.12 3.89
N ILE A 213 17.22 -40.59 3.14
CA ILE A 213 17.68 -42.00 3.17
C ILE A 213 19.13 -42.03 2.61
N THR A 214 19.90 -43.04 3.00
CA THR A 214 21.24 -43.29 2.46
C THR A 214 21.26 -44.74 1.93
N LEU A 215 21.54 -44.90 0.64
CA LEU A 215 21.67 -46.20 -0.04
C LEU A 215 23.09 -46.25 -0.55
N THR A 216 23.89 -47.22 -0.12
CA THR A 216 25.28 -47.31 -0.59
C THR A 216 25.58 -48.75 -1.00
N TRP A 217 26.54 -48.94 -1.91
CA TRP A 217 26.99 -50.26 -2.30
C TRP A 217 28.41 -50.38 -1.80
N GLN A 218 28.77 -51.57 -1.33
CA GLN A 218 30.10 -51.87 -0.79
C GLN A 218 30.63 -53.13 -1.47
N ARG A 219 31.96 -53.23 -1.62
CA ARG A 219 32.61 -54.42 -2.21
C ARG A 219 33.64 -54.88 -1.21
N ASP A 220 33.48 -56.12 -0.71
CA ASP A 220 34.30 -56.69 0.38
C ASP A 220 34.33 -55.75 1.60
N GLY A 221 33.21 -55.07 1.85
CA GLY A 221 33.08 -54.12 2.94
C GLY A 221 33.71 -52.74 2.70
N GLU A 222 34.17 -52.47 1.45
CA GLU A 222 34.79 -51.18 1.12
C GLU A 222 33.82 -50.33 0.27
N ASP A 223 33.65 -49.04 0.65
CA ASP A 223 32.71 -48.09 0.02
C ASP A 223 32.92 -47.88 -1.47
N GLN A 224 31.81 -47.94 -2.24
CA GLN A 224 31.80 -47.82 -3.69
C GLN A 224 31.02 -46.59 -4.17
N THR A 225 31.03 -45.50 -3.37
CA THR A 225 30.31 -44.24 -3.63
C THR A 225 30.54 -43.64 -5.01
N GLN A 226 31.82 -43.55 -5.46
CA GLN A 226 32.25 -43.04 -6.77
C GLN A 226 31.65 -43.87 -7.93
N ASP A 227 31.64 -45.18 -7.73
CA ASP A 227 31.17 -46.15 -8.70
C ASP A 227 29.64 -46.39 -8.64
N THR A 228 28.88 -45.65 -7.77
CA THR A 228 27.42 -45.87 -7.62
C THR A 228 26.48 -44.86 -8.33
N GLU A 229 25.55 -45.37 -9.11
CA GLU A 229 24.54 -44.58 -9.78
C GLU A 229 23.34 -44.50 -8.77
N LEU A 230 23.07 -43.30 -8.24
CA LEU A 230 21.94 -43.07 -7.31
C LEU A 230 20.89 -42.26 -8.05
N VAL A 231 19.64 -42.77 -8.21
CA VAL A 231 18.59 -41.95 -8.86
C VAL A 231 18.07 -40.94 -7.89
N GLU A 232 17.44 -39.91 -8.43
CA GLU A 232 16.80 -38.92 -7.61
C GLU A 232 15.61 -39.61 -6.91
N THR A 233 15.47 -39.36 -5.60
CA THR A 233 14.35 -39.86 -4.79
C THR A 233 13.08 -39.32 -5.44
N ARG A 234 12.09 -40.19 -5.61
CA ARG A 234 10.85 -39.84 -6.28
C ARG A 234 9.61 -40.15 -5.42
N PRO A 235 8.54 -39.35 -5.58
CA PRO A 235 7.32 -39.63 -4.80
C PRO A 235 6.53 -40.83 -5.35
N ALA A 236 6.02 -41.67 -4.45
CA ALA A 236 5.19 -42.81 -4.89
C ALA A 236 3.77 -42.32 -5.24
N GLY A 237 3.37 -41.16 -4.75
CA GLY A 237 2.03 -40.59 -4.99
C GLY A 237 1.06 -40.77 -3.84
N ASP A 238 1.47 -41.51 -2.81
CA ASP A 238 0.68 -41.75 -1.58
C ASP A 238 1.38 -41.16 -0.33
N ARG A 239 2.27 -40.17 -0.53
CA ARG A 239 3.09 -39.46 0.48
C ARG A 239 4.37 -40.16 0.82
N THR A 240 4.56 -41.39 0.33
CA THR A 240 5.82 -42.10 0.60
C THR A 240 6.75 -41.92 -0.59
N PHE A 241 8.01 -42.35 -0.42
CA PHE A 241 9.03 -42.19 -1.46
C PHE A 241 9.68 -43.52 -1.92
N GLN A 242 10.40 -43.46 -3.03
CA GLN A 242 11.11 -44.54 -3.70
C GLN A 242 12.51 -44.07 -4.13
N LYS A 243 13.48 -44.99 -4.16
CA LYS A 243 14.85 -44.69 -4.58
C LYS A 243 15.58 -45.99 -4.86
N TRP A 244 16.59 -45.91 -5.73
CA TRP A 244 17.44 -47.05 -6.01
C TRP A 244 18.87 -46.64 -6.18
N ALA A 245 19.79 -47.59 -5.95
CA ALA A 245 21.23 -47.37 -6.12
C ALA A 245 21.76 -48.55 -6.90
N ALA A 246 22.61 -48.29 -7.90
CA ALA A 246 23.10 -49.38 -8.74
C ALA A 246 24.58 -49.34 -9.03
N VAL A 247 25.16 -50.53 -9.17
CA VAL A 247 26.58 -50.76 -9.52
C VAL A 247 26.67 -51.73 -10.71
N VAL A 248 27.70 -51.55 -11.55
CA VAL A 248 27.95 -52.47 -12.66
C VAL A 248 29.09 -53.38 -12.17
N VAL A 249 28.83 -54.68 -12.12
CA VAL A 249 29.80 -55.62 -11.54
C VAL A 249 30.23 -56.72 -12.50
N PRO A 250 31.46 -57.28 -12.32
CA PRO A 250 31.86 -58.40 -13.20
C PRO A 250 30.98 -59.61 -12.87
N SER A 251 30.43 -60.25 -13.91
CA SER A 251 29.58 -61.45 -13.77
C SER A 251 30.39 -62.52 -13.03
N GLY A 252 29.80 -63.12 -12.00
CA GLY A 252 30.47 -64.10 -11.14
C GLY A 252 31.10 -63.48 -9.90
N GLU A 253 31.00 -62.14 -9.74
CA GLU A 253 31.55 -61.45 -8.57
C GLU A 253 30.46 -60.79 -7.71
N GLU A 254 29.18 -61.01 -8.10
CA GLU A 254 28.00 -60.43 -7.42
C GLU A 254 27.98 -60.63 -5.89
N GLN A 255 28.49 -61.79 -5.40
CA GLN A 255 28.57 -62.12 -3.97
C GLN A 255 29.46 -61.19 -3.17
N ARG A 256 30.39 -60.45 -3.82
CA ARG A 256 31.27 -59.55 -3.06
C ARG A 256 30.58 -58.22 -2.71
N TYR A 257 29.38 -57.99 -3.20
CA TYR A 257 28.69 -56.70 -3.06
C TYR A 257 27.54 -56.72 -2.13
N THR A 258 27.51 -55.73 -1.22
CA THR A 258 26.42 -55.60 -0.24
C THR A 258 25.79 -54.21 -0.36
N CYS A 259 24.46 -54.17 -0.32
CA CYS A 259 23.76 -52.89 -0.29
C CYS A 259 23.48 -52.52 1.17
N HIS A 260 23.63 -51.23 1.50
CA HIS A 260 23.47 -50.73 2.87
C HIS A 260 22.40 -49.65 2.90
N VAL A 261 21.43 -49.81 3.81
CA VAL A 261 20.25 -48.92 3.87
C VAL A 261 20.18 -48.27 5.24
N GLN A 262 20.13 -46.92 5.26
CA GLN A 262 20.01 -46.11 6.46
C GLN A 262 18.76 -45.23 6.32
N HIS A 263 17.82 -45.37 7.25
CA HIS A 263 16.58 -44.62 7.21
C HIS A 263 16.04 -44.53 8.62
N GLU A 264 15.37 -43.43 8.93
CA GLU A 264 14.78 -43.18 10.26
C GLU A 264 13.85 -44.28 10.77
N GLY A 265 13.10 -44.93 9.87
CA GLY A 265 12.16 -46.00 10.19
C GLY A 265 12.84 -47.34 10.49
N LEU A 266 14.16 -47.41 10.28
CA LEU A 266 14.90 -48.65 10.53
C LEU A 266 15.59 -48.51 11.88
N PRO A 267 15.29 -49.39 12.88
CA PRO A 267 15.97 -49.27 14.19
C PRO A 267 17.47 -49.49 14.06
N LYS A 268 17.87 -50.31 13.09
CA LYS A 268 19.26 -50.64 12.81
C LYS A 268 19.51 -50.62 11.29
N PRO A 269 20.70 -50.16 10.81
CA PRO A 269 20.98 -50.17 9.35
C PRO A 269 20.86 -51.57 8.73
N LEU A 270 20.35 -51.63 7.48
CA LEU A 270 20.14 -52.89 6.76
C LEU A 270 21.32 -53.21 5.87
N THR A 271 21.65 -54.51 5.73
CA THR A 271 22.68 -55.01 4.79
C THR A 271 21.98 -56.10 3.98
N LEU A 272 22.02 -55.99 2.63
CA LEU A 272 21.38 -56.98 1.74
C LEU A 272 22.34 -57.40 0.65
N ARG A 273 22.08 -58.55 0.03
CA ARG A 273 22.81 -59.04 -1.13
C ARG A 273 21.82 -59.50 -2.17
N TRP A 274 22.29 -59.71 -3.39
CA TRP A 274 21.46 -60.28 -4.44
C TRP A 274 21.20 -61.74 -4.01
N GLU A 275 19.99 -62.22 -4.23
CA GLU A 275 19.62 -63.59 -3.91
C GLU A 275 20.13 -64.56 -5.02
N PRO A 276 21.15 -65.44 -4.81
CA PRO A 276 21.89 -65.76 -3.58
C PRO A 276 23.28 -65.07 -3.48
N MET B 1 17.63 -15.72 -20.30
CA MET B 1 16.83 -16.63 -19.48
C MET B 1 17.58 -17.97 -19.17
N ILE B 2 17.62 -18.36 -17.88
CA ILE B 2 18.15 -19.66 -17.42
C ILE B 2 17.24 -20.74 -18.02
N GLN B 3 17.81 -21.84 -18.50
CA GLN B 3 17.01 -22.94 -19.03
C GLN B 3 17.57 -24.23 -18.46
N ARG B 4 16.67 -25.10 -17.95
CA ARG B 4 17.05 -26.40 -17.39
C ARG B 4 16.09 -27.48 -17.91
N THR B 5 16.64 -28.51 -18.57
CA THR B 5 15.88 -29.58 -19.17
C THR B 5 15.33 -30.55 -18.10
N PRO B 6 14.10 -31.02 -18.28
CA PRO B 6 13.52 -31.93 -17.28
C PRO B 6 14.15 -33.32 -17.20
N LYS B 7 14.28 -33.80 -15.97
CA LYS B 7 14.64 -35.18 -15.68
C LYS B 7 13.27 -35.89 -15.72
N ILE B 8 13.21 -37.14 -16.20
CA ILE B 8 11.94 -37.87 -16.30
C ILE B 8 12.09 -39.29 -15.72
N GLN B 9 11.17 -39.67 -14.83
CA GLN B 9 11.07 -41.03 -14.31
C GLN B 9 9.62 -41.50 -14.50
N VAL B 10 9.44 -42.69 -15.08
N VAL B 10 9.45 -42.71 -15.08
CA VAL B 10 8.11 -43.29 -15.28
CA VAL B 10 8.15 -43.35 -15.33
C VAL B 10 8.07 -44.62 -14.53
C VAL B 10 8.11 -44.63 -14.48
N TYR B 11 7.09 -44.76 -13.62
CA TYR B 11 6.99 -45.91 -12.69
C TYR B 11 5.61 -46.06 -12.08
N SER B 12 5.37 -47.18 -11.40
CA SER B 12 4.09 -47.42 -10.77
C SER B 12 4.22 -47.13 -9.29
N ARG B 13 3.12 -46.71 -8.63
CA ARG B 13 3.10 -46.45 -7.18
C ARG B 13 3.44 -47.73 -6.39
N HIS B 14 2.79 -48.86 -6.78
CA HIS B 14 2.95 -50.17 -6.14
C HIS B 14 3.60 -51.15 -7.10
N PRO B 15 4.30 -52.19 -6.60
CA PRO B 15 4.87 -53.20 -7.52
C PRO B 15 3.79 -53.71 -8.45
N ALA B 16 4.06 -53.65 -9.77
CA ALA B 16 3.11 -54.02 -10.81
C ALA B 16 2.70 -55.50 -10.77
N GLU B 17 1.38 -55.75 -10.93
CA GLU B 17 0.75 -57.07 -10.96
C GLU B 17 -0.38 -57.05 -11.99
N ASN B 18 -0.23 -57.80 -13.09
CA ASN B 18 -1.23 -57.87 -14.16
C ASN B 18 -2.65 -58.15 -13.70
N GLY B 19 -3.57 -57.32 -14.13
CA GLY B 19 -4.99 -57.38 -13.77
C GLY B 19 -5.33 -56.72 -12.44
N LYS B 20 -4.32 -56.16 -11.73
CA LYS B 20 -4.53 -55.52 -10.43
C LYS B 20 -4.38 -53.99 -10.52
N SER B 21 -5.42 -53.24 -10.06
CA SER B 21 -5.47 -51.78 -10.04
C SER B 21 -4.22 -51.18 -9.35
N ASN B 22 -3.63 -50.15 -9.96
CA ASN B 22 -2.39 -49.50 -9.50
C ASN B 22 -2.46 -48.04 -9.99
N PHE B 23 -1.34 -47.30 -9.87
CA PHE B 23 -1.26 -45.92 -10.34
C PHE B 23 0.02 -45.78 -11.17
N LEU B 24 -0.08 -45.22 -12.39
CA LEU B 24 1.08 -44.99 -13.25
C LEU B 24 1.52 -43.56 -13.04
N ASN B 25 2.81 -43.38 -12.77
CA ASN B 25 3.41 -42.08 -12.47
C ASN B 25 4.42 -41.63 -13.48
N CYS B 26 4.43 -40.30 -13.72
CA CYS B 26 5.47 -39.66 -14.52
C CYS B 26 5.97 -38.46 -13.73
N TYR B 27 7.14 -38.62 -13.18
CA TYR B 27 7.74 -37.59 -12.33
C TYR B 27 8.72 -36.77 -13.16
N VAL B 28 8.42 -35.47 -13.32
CA VAL B 28 9.26 -34.51 -14.04
C VAL B 28 9.88 -33.53 -13.08
N SER B 29 11.20 -33.38 -13.15
CA SER B 29 11.94 -32.54 -12.21
C SER B 29 13.17 -31.86 -12.83
N GLY B 30 13.74 -30.93 -12.09
CA GLY B 30 14.95 -30.20 -12.46
C GLY B 30 14.78 -29.25 -13.62
N PHE B 31 13.54 -28.86 -13.91
CA PHE B 31 13.28 -27.98 -15.04
C PHE B 31 13.05 -26.51 -14.77
N HIS B 32 13.36 -25.69 -15.79
CA HIS B 32 13.12 -24.23 -15.75
C HIS B 32 13.15 -23.72 -17.20
N PRO B 33 12.19 -22.89 -17.67
CA PRO B 33 11.02 -22.35 -16.95
C PRO B 33 9.94 -23.43 -16.67
N SER B 34 8.89 -23.02 -15.99
CA SER B 34 7.86 -23.94 -15.51
C SER B 34 6.90 -24.48 -16.55
N ASP B 35 6.79 -23.83 -17.75
CA ASP B 35 5.89 -24.29 -18.82
C ASP B 35 6.36 -25.66 -19.28
N ILE B 36 5.45 -26.65 -19.25
CA ILE B 36 5.81 -28.03 -19.61
C ILE B 36 4.58 -28.79 -20.07
N GLU B 37 4.74 -29.62 -21.11
N GLU B 37 4.73 -29.61 -21.11
CA GLU B 37 3.66 -30.45 -21.64
CA GLU B 37 3.63 -30.44 -21.58
C GLU B 37 3.96 -31.88 -21.24
C GLU B 37 3.96 -31.86 -21.19
N VAL B 38 3.04 -32.53 -20.51
CA VAL B 38 3.25 -33.90 -20.03
C VAL B 38 2.00 -34.72 -20.31
N ASP B 39 2.17 -35.86 -21.01
CA ASP B 39 1.08 -36.78 -21.31
C ASP B 39 1.49 -38.21 -20.95
N LEU B 40 0.53 -39.02 -20.51
CA LEU B 40 0.81 -40.44 -20.26
C LEU B 40 0.19 -41.18 -21.43
N LEU B 41 0.90 -42.19 -21.96
CA LEU B 41 0.38 -42.90 -23.13
C LEU B 41 0.10 -44.34 -22.86
N LYS B 42 -0.96 -44.87 -23.47
CA LYS B 42 -1.32 -46.29 -23.41
C LYS B 42 -1.30 -46.75 -24.86
N ASN B 43 -0.35 -47.60 -25.20
CA ASN B 43 -0.20 -48.09 -26.58
C ASN B 43 -0.09 -46.92 -27.59
N GLY B 44 0.65 -45.88 -27.17
CA GLY B 44 0.90 -44.69 -27.98
C GLY B 44 -0.22 -43.68 -28.01
N GLU B 45 -1.37 -43.97 -27.36
CA GLU B 45 -2.51 -43.03 -27.34
C GLU B 45 -2.59 -42.29 -26.00
N ARG B 46 -2.82 -40.99 -26.06
CA ARG B 46 -2.97 -40.10 -24.93
C ARG B 46 -4.09 -40.56 -23.96
N ILE B 47 -3.72 -40.69 -22.68
CA ILE B 47 -4.66 -41.06 -21.62
C ILE B 47 -5.32 -39.79 -21.15
N GLU B 48 -6.66 -39.80 -21.14
CA GLU B 48 -7.51 -38.69 -20.71
C GLU B 48 -7.60 -38.71 -19.16
N LYS B 49 -8.13 -37.63 -18.54
CA LYS B 49 -8.35 -37.55 -17.07
C LYS B 49 -7.06 -37.54 -16.21
N VAL B 50 -5.83 -37.52 -16.81
CA VAL B 50 -4.56 -37.53 -16.07
C VAL B 50 -4.44 -36.33 -15.10
N GLU B 51 -4.15 -36.59 -13.81
CA GLU B 51 -4.00 -35.53 -12.81
C GLU B 51 -2.52 -35.21 -12.58
N HIS B 52 -2.26 -34.06 -11.94
CA HIS B 52 -0.90 -33.71 -11.56
C HIS B 52 -0.89 -32.97 -10.24
N SER B 53 0.24 -33.03 -9.54
CA SER B 53 0.51 -32.36 -8.28
C SER B 53 0.63 -30.84 -8.51
N ASP B 54 0.60 -30.07 -7.42
CA ASP B 54 0.71 -28.62 -7.52
C ASP B 54 2.16 -28.25 -7.69
N LEU B 55 2.45 -27.36 -8.67
CA LEU B 55 3.79 -26.87 -8.95
C LEU B 55 4.54 -26.46 -7.69
N SER B 56 5.75 -27.04 -7.54
CA SER B 56 6.66 -26.72 -6.44
C SER B 56 8.10 -26.74 -6.99
N PHE B 57 9.07 -26.43 -6.15
CA PHE B 57 10.45 -26.35 -6.58
C PHE B 57 11.44 -26.82 -5.52
N SER B 58 12.65 -27.17 -5.98
CA SER B 58 13.72 -27.65 -5.15
C SER B 58 14.62 -26.50 -4.72
N LYS B 59 15.57 -26.76 -3.80
CA LYS B 59 16.52 -25.75 -3.27
C LYS B 59 17.23 -24.89 -4.34
N ASP B 60 17.55 -25.49 -5.51
CA ASP B 60 18.21 -24.77 -6.61
C ASP B 60 17.18 -24.02 -7.52
N TRP B 61 15.90 -23.91 -7.08
CA TRP B 61 14.81 -23.21 -7.77
C TRP B 61 14.18 -23.98 -8.92
N SER B 62 14.75 -25.16 -9.29
CA SER B 62 14.24 -25.98 -10.38
C SER B 62 12.90 -26.60 -9.99
N PHE B 63 11.97 -26.70 -10.94
CA PHE B 63 10.60 -27.20 -10.71
C PHE B 63 10.42 -28.71 -10.77
N TYR B 64 9.39 -29.20 -10.09
CA TYR B 64 9.01 -30.59 -10.18
C TYR B 64 7.48 -30.77 -10.15
N LEU B 65 7.02 -31.80 -10.86
CA LEU B 65 5.60 -32.16 -10.95
C LEU B 65 5.48 -33.67 -11.04
N LEU B 66 4.39 -34.22 -10.45
CA LEU B 66 4.08 -35.62 -10.55
C LEU B 66 2.79 -35.72 -11.35
N TYR B 67 2.81 -36.43 -12.48
CA TYR B 67 1.62 -36.71 -13.29
C TYR B 67 1.27 -38.17 -13.03
N TYR B 68 -0.02 -38.42 -12.80
CA TYR B 68 -0.48 -39.75 -12.45
C TYR B 68 -1.87 -40.06 -12.93
N THR B 69 -2.12 -41.34 -13.07
CA THR B 69 -3.40 -41.90 -13.44
C THR B 69 -3.53 -43.31 -12.86
N GLU B 70 -4.74 -43.68 -12.47
CA GLU B 70 -5.04 -45.02 -11.96
C GLU B 70 -5.04 -45.90 -13.20
N PHE B 71 -4.48 -47.09 -13.11
CA PHE B 71 -4.42 -48.00 -14.26
C PHE B 71 -4.41 -49.43 -13.81
N THR B 72 -4.78 -50.34 -14.72
CA THR B 72 -4.72 -51.76 -14.43
C THR B 72 -3.72 -52.35 -15.40
N PRO B 73 -2.46 -52.63 -14.98
CA PRO B 73 -1.47 -53.17 -15.93
C PRO B 73 -1.82 -54.57 -16.42
N THR B 74 -1.38 -54.92 -17.65
CA THR B 74 -1.54 -56.23 -18.31
C THR B 74 -0.22 -56.57 -19.01
N GLU B 75 -0.01 -57.84 -19.40
CA GLU B 75 1.22 -58.28 -20.07
C GLU B 75 1.43 -57.60 -21.46
N LYS B 76 0.34 -57.40 -22.22
CA LYS B 76 0.37 -56.79 -23.56
C LYS B 76 0.50 -55.25 -23.59
N ASP B 77 -0.24 -54.52 -22.70
CA ASP B 77 -0.30 -53.06 -22.63
C ASP B 77 1.03 -52.32 -22.40
N GLU B 78 1.34 -51.37 -23.31
CA GLU B 78 2.55 -50.57 -23.21
C GLU B 78 2.25 -49.16 -22.72
N TYR B 79 3.03 -48.71 -21.74
CA TYR B 79 2.86 -47.39 -21.16
C TYR B 79 4.11 -46.57 -21.28
N ALA B 80 3.92 -45.26 -21.44
CA ALA B 80 5.02 -44.32 -21.60
C ALA B 80 4.63 -42.91 -21.12
N CYS B 81 5.65 -42.04 -21.00
CA CYS B 81 5.44 -40.64 -20.65
C CYS B 81 6.04 -39.75 -21.76
N ARG B 82 5.23 -38.83 -22.30
CA ARG B 82 5.62 -37.90 -23.37
C ARG B 82 5.71 -36.48 -22.82
N VAL B 83 6.91 -35.93 -22.86
CA VAL B 83 7.26 -34.61 -22.30
C VAL B 83 7.79 -33.64 -23.34
N ASN B 84 7.19 -32.43 -23.36
CA ASN B 84 7.71 -31.32 -24.15
C ASN B 84 8.03 -30.10 -23.26
N HIS B 85 9.13 -29.42 -23.58
CA HIS B 85 9.65 -28.26 -22.86
C HIS B 85 10.38 -27.37 -23.90
N VAL B 86 10.62 -26.10 -23.58
CA VAL B 86 11.37 -25.17 -24.43
C VAL B 86 12.78 -25.71 -24.75
N THR B 87 13.41 -26.43 -23.79
CA THR B 87 14.74 -27.03 -23.91
C THR B 87 14.73 -28.27 -24.83
N LEU B 88 13.54 -28.72 -25.27
CA LEU B 88 13.44 -29.92 -26.12
C LEU B 88 12.94 -29.58 -27.52
N SER B 89 13.73 -29.94 -28.57
CA SER B 89 13.33 -29.70 -29.97
C SER B 89 12.16 -30.60 -30.37
N GLN B 90 12.11 -31.83 -29.83
CA GLN B 90 11.04 -32.79 -30.11
C GLN B 90 10.45 -33.27 -28.76
N PRO B 91 9.15 -33.68 -28.66
CA PRO B 91 8.66 -34.24 -27.39
C PRO B 91 9.46 -35.50 -27.05
N LYS B 92 9.83 -35.65 -25.76
CA LYS B 92 10.64 -36.80 -25.35
C LYS B 92 9.76 -37.91 -24.79
N ILE B 93 9.96 -39.16 -25.28
CA ILE B 93 9.17 -40.32 -24.84
C ILE B 93 9.98 -41.28 -24.01
N VAL B 94 9.52 -41.52 -22.77
CA VAL B 94 10.16 -42.43 -21.84
C VAL B 94 9.13 -43.53 -21.55
N LYS B 95 9.50 -44.78 -21.88
CA LYS B 95 8.68 -45.97 -21.71
C LYS B 95 8.77 -46.47 -20.28
N TRP B 96 7.64 -46.97 -19.77
CA TRP B 96 7.56 -47.56 -18.45
C TRP B 96 8.17 -48.96 -18.54
N ASP B 97 9.22 -49.22 -17.74
CA ASP B 97 9.88 -50.51 -17.65
C ASP B 97 9.60 -51.03 -16.23
N ARG B 98 8.72 -52.03 -16.05
CA ARG B 98 8.38 -52.56 -14.71
C ARG B 98 9.55 -53.00 -13.82
N ASP B 99 10.63 -53.53 -14.44
CA ASP B 99 11.85 -53.96 -13.76
C ASP B 99 12.65 -52.73 -13.32
N MET B 100 12.58 -51.66 -14.14
CA MET B 100 13.18 -50.33 -13.92
C MET B 100 14.70 -50.21 -13.92
N LYS C 1 0.97 -21.80 9.15
CA LYS C 1 0.44 -20.45 9.33
C LYS C 1 1.38 -19.46 8.65
N ARG C 2 0.87 -18.83 7.61
CA ARG C 2 1.58 -17.88 6.76
C ARG C 2 1.93 -16.59 7.42
N TRP C 3 2.93 -15.91 6.83
CA TRP C 3 3.38 -14.58 7.24
C TRP C 3 2.83 -13.58 6.24
N ILE C 4 2.57 -12.36 6.73
CA ILE C 4 2.12 -11.24 5.92
C ILE C 4 2.39 -9.93 6.64
N ILE C 5 2.84 -8.93 5.88
CA ILE C 5 2.95 -7.52 6.30
C ILE C 5 2.60 -6.66 5.08
N MET C 6 2.24 -5.39 5.29
CA MET C 6 2.03 -4.45 4.21
C MET C 6 3.39 -3.92 3.78
N GLY C 7 3.48 -3.38 2.57
CA GLY C 7 4.70 -2.74 2.10
C GLY C 7 5.86 -3.63 1.72
N LEU C 8 5.57 -4.81 1.17
CA LEU C 8 6.62 -5.73 0.75
C LEU C 8 6.91 -5.73 -0.75
N ASN C 9 6.44 -4.73 -1.51
CA ASN C 9 6.75 -4.75 -2.96
C ASN C 9 8.25 -4.65 -3.21
N LYS C 10 8.73 -5.36 -4.23
CA LYS C 10 10.11 -5.33 -4.66
C LYS C 10 10.43 -4.00 -5.37
N LYS D 1 -13.73 0.57 10.82
CA LYS D 1 -14.37 1.71 11.48
C LYS D 1 -13.35 2.48 12.32
N ILE D 2 -13.31 3.78 12.08
CA ILE D 2 -12.39 4.68 12.79
C ILE D 2 -13.22 5.63 13.64
N THR D 3 -12.84 5.75 14.92
CA THR D 3 -13.49 6.69 15.84
C THR D 3 -12.51 7.76 16.31
N GLN D 4 -12.74 9.00 15.90
CA GLN D 4 -12.05 10.19 16.40
C GLN D 4 -13.17 10.87 17.21
N THR D 5 -13.18 10.67 18.54
CA THR D 5 -14.25 11.21 19.39
C THR D 5 -14.30 12.76 19.38
N GLN D 6 -13.15 13.40 19.18
CA GLN D 6 -12.99 14.85 19.26
C GLN D 6 -13.19 15.60 17.94
N PRO D 7 -14.28 16.37 17.71
CA PRO D 7 -14.33 17.17 16.46
C PRO D 7 -13.33 18.32 16.49
N GLY D 8 -12.85 18.67 17.69
CA GLY D 8 -11.91 19.76 17.88
C GLY D 8 -11.05 19.54 19.10
N MET D 9 -9.83 20.11 19.09
CA MET D 9 -8.85 20.09 20.18
C MET D 9 -8.12 21.45 20.16
N PHE D 10 -7.76 22.01 21.33
CA PHE D 10 -6.96 23.23 21.40
C PHE D 10 -5.69 22.89 22.16
N VAL D 11 -4.62 23.65 21.88
CA VAL D 11 -3.32 23.49 22.50
C VAL D 11 -2.62 24.87 22.48
N GLN D 12 -1.83 25.16 23.51
CA GLN D 12 -1.02 26.37 23.56
C GLN D 12 0.20 26.09 22.75
N GLU D 13 0.56 27.03 21.86
CA GLU D 13 1.76 26.97 21.05
C GLU D 13 2.95 26.55 21.94
N LYS D 14 3.83 25.69 21.40
CA LYS D 14 5.01 25.09 22.04
C LYS D 14 4.68 23.84 22.89
N GLU D 15 3.42 23.66 23.30
CA GLU D 15 3.01 22.47 24.07
C GLU D 15 2.71 21.30 23.15
N ALA D 16 2.78 20.07 23.69
CA ALA D 16 2.47 18.86 22.91
C ALA D 16 0.96 18.61 22.98
N VAL D 17 0.42 17.98 21.92
CA VAL D 17 -1.01 17.67 21.87
C VAL D 17 -1.20 16.22 21.40
N THR D 18 -2.15 15.52 22.05
CA THR D 18 -2.54 14.16 21.66
C THR D 18 -3.93 14.20 21.01
N LEU D 19 -4.05 13.61 19.82
CA LEU D 19 -5.31 13.49 19.08
C LEU D 19 -5.71 12.04 19.15
N ASP D 20 -6.87 11.76 19.74
CA ASP D 20 -7.34 10.39 19.94
C ASP D 20 -7.88 9.68 18.71
N CYS D 21 -7.59 8.40 18.59
CA CYS D 21 -8.14 7.56 17.55
C CYS D 21 -8.33 6.15 18.07
N THR D 22 -9.49 5.56 17.81
CA THR D 22 -9.70 4.13 18.10
C THR D 22 -10.16 3.49 16.78
N TYR D 23 -9.78 2.24 16.56
CA TYR D 23 -10.07 1.51 15.34
C TYR D 23 -10.74 0.15 15.65
N ASP D 24 -11.59 -0.29 14.75
CA ASP D 24 -12.32 -1.54 14.89
C ASP D 24 -12.05 -2.45 13.68
N THR D 25 -11.33 -3.55 13.93
CA THR D 25 -11.07 -4.58 12.91
C THR D 25 -11.04 -5.96 13.59
N SER D 26 -11.50 -7.00 12.88
CA SER D 26 -11.39 -8.38 13.36
C SER D 26 -10.13 -9.04 12.73
N ASP D 27 -9.40 -8.30 11.85
CA ASP D 27 -8.15 -8.75 11.23
C ASP D 27 -6.93 -8.67 12.14
N GLN D 28 -5.97 -9.57 11.93
CA GLN D 28 -4.69 -9.57 12.65
C GLN D 28 -3.70 -8.64 11.90
N SER D 29 -3.95 -8.45 10.59
CA SER D 29 -3.10 -7.67 9.67
C SER D 29 -3.82 -6.41 9.24
N TYR D 30 -3.20 -5.27 9.54
CA TYR D 30 -3.73 -3.96 9.22
C TYR D 30 -2.66 -2.88 9.36
N GLY D 31 -2.98 -1.68 8.90
CA GLY D 31 -2.10 -0.52 8.99
C GLY D 31 -2.90 0.72 9.38
N LEU D 32 -2.31 1.55 10.23
CA LEU D 32 -2.91 2.80 10.73
C LEU D 32 -2.12 3.93 10.12
N PHE D 33 -2.83 4.96 9.68
CA PHE D 33 -2.28 6.11 8.98
C PHE D 33 -2.84 7.41 9.52
N TRP D 34 -2.00 8.48 9.56
CA TRP D 34 -2.52 9.81 9.89
C TRP D 34 -2.25 10.75 8.73
N TYR D 35 -3.20 11.64 8.46
CA TYR D 35 -3.10 12.64 7.40
C TYR D 35 -3.48 13.96 7.97
N LYS D 36 -2.83 15.02 7.50
CA LYS D 36 -3.13 16.40 7.88
C LYS D 36 -3.79 17.09 6.66
N GLN D 37 -4.89 17.84 6.90
CA GLN D 37 -5.57 18.60 5.87
C GLN D 37 -5.59 20.07 6.28
N PRO D 38 -4.65 20.90 5.77
CA PRO D 38 -4.67 22.33 6.12
C PRO D 38 -5.89 23.02 5.43
N SER D 39 -6.14 24.30 5.77
N SER D 39 -6.18 24.29 5.79
CA SER D 39 -7.25 25.12 5.24
CA SER D 39 -7.31 25.06 5.23
C SER D 39 -7.33 25.13 3.70
C SER D 39 -7.34 25.09 3.69
N SER D 40 -6.18 24.95 3.03
CA SER D 40 -6.06 24.92 1.56
C SER D 40 -6.64 23.63 0.94
N GLY D 41 -6.93 22.65 1.79
CA GLY D 41 -7.59 21.41 1.41
C GLY D 41 -6.73 20.23 0.99
N GLU D 42 -5.39 20.40 0.84
CA GLU D 42 -4.54 19.26 0.47
C GLU D 42 -4.53 18.20 1.60
N MET D 43 -4.27 16.94 1.25
CA MET D 43 -4.31 15.80 2.19
C MET D 43 -2.88 15.28 2.30
N ILE D 44 -2.20 15.60 3.40
CA ILE D 44 -0.77 15.35 3.67
C ILE D 44 -0.52 14.13 4.56
N PHE D 45 0.21 13.16 4.03
CA PHE D 45 0.59 11.97 4.76
C PHE D 45 1.59 12.32 5.86
N LEU D 46 1.29 11.91 7.08
CA LEU D 46 2.15 12.19 8.24
C LEU D 46 2.96 10.98 8.74
N ILE D 47 2.29 9.84 8.94
CA ILE D 47 2.85 8.68 9.61
C ILE D 47 2.02 7.43 9.35
N TYR D 48 2.71 6.29 9.45
CA TYR D 48 2.09 4.98 9.30
C TYR D 48 2.63 4.02 10.36
N GLN D 49 1.75 3.14 10.81
CA GLN D 49 2.12 2.08 11.75
C GLN D 49 1.48 0.76 11.30
N GLY D 50 2.30 -0.27 11.11
CA GLY D 50 1.85 -1.62 10.81
C GLY D 50 1.50 -2.39 12.07
N SER D 51 0.47 -3.23 12.00
CA SER D 51 0.00 -4.01 13.14
C SER D 51 1.03 -5.02 13.68
N TYR D 52 2.03 -5.41 12.88
CA TYR D 52 3.07 -6.35 13.34
C TYR D 52 4.39 -5.66 13.78
N ASP D 53 4.41 -4.33 13.71
CA ASP D 53 5.58 -3.54 14.08
C ASP D 53 5.59 -3.33 15.59
N GLU D 54 6.68 -3.79 16.24
CA GLU D 54 6.79 -3.68 17.69
C GLU D 54 7.14 -2.30 18.24
N GLN D 55 7.79 -1.46 17.42
N GLN D 55 7.79 -1.46 17.41
CA GLN D 55 8.16 -0.11 17.87
CA GLN D 55 8.15 -0.11 17.84
C GLN D 55 7.19 0.95 17.35
C GLN D 55 7.10 0.91 17.38
N ASN D 56 6.89 1.95 18.21
CA ASN D 56 5.95 3.03 17.91
C ASN D 56 6.55 3.90 16.83
N ALA D 57 5.78 4.14 15.77
CA ALA D 57 6.26 4.94 14.66
C ALA D 57 6.48 6.39 15.13
N THR D 58 7.55 7.00 14.63
CA THR D 58 7.89 8.39 14.87
C THR D 58 8.32 8.96 13.52
N GLU D 59 7.96 10.21 13.24
CA GLU D 59 8.34 10.91 12.02
C GLU D 59 8.37 12.39 12.36
N GLY D 60 9.56 12.91 12.66
CA GLY D 60 9.76 14.30 13.05
C GLY D 60 9.02 14.62 14.34
N ARG D 61 8.14 15.65 14.32
CA ARG D 61 7.35 15.98 15.52
C ARG D 61 6.14 15.03 15.78
N TYR D 62 5.88 14.09 14.86
CA TYR D 62 4.77 13.13 14.96
C TYR D 62 5.21 11.78 15.56
N SER D 63 4.42 11.30 16.50
CA SER D 63 4.57 10.01 17.18
C SER D 63 3.19 9.38 17.23
N LEU D 64 3.11 8.09 16.89
CA LEU D 64 1.86 7.34 16.94
C LEU D 64 1.95 6.40 18.13
N ASN D 65 1.15 6.67 19.19
CA ASN D 65 1.08 5.85 20.39
C ASN D 65 0.21 4.60 20.09
N PHE D 66 0.79 3.60 19.45
CA PHE D 66 0.05 2.40 19.06
C PHE D 66 -0.12 1.47 20.26
N GLN D 67 -1.38 1.23 20.64
CA GLN D 67 -1.76 0.39 21.78
C GLN D 67 -2.66 -0.70 21.23
N LYS D 68 -2.06 -1.75 20.68
CA LYS D 68 -2.76 -2.87 20.04
C LYS D 68 -3.85 -3.49 20.91
N ALA D 69 -3.54 -3.79 22.20
CA ALA D 69 -4.51 -4.35 23.15
C ALA D 69 -5.74 -3.42 23.34
N ARG D 70 -5.51 -2.09 23.47
CA ARG D 70 -6.53 -1.04 23.64
C ARG D 70 -7.20 -0.62 22.31
N LYS D 71 -6.70 -1.11 21.14
CA LYS D 71 -7.21 -0.76 19.80
C LYS D 71 -7.21 0.78 19.57
N SER D 72 -6.14 1.43 20.03
CA SER D 72 -5.97 2.88 19.91
C SER D 72 -4.69 3.23 19.15
N ALA D 73 -4.74 4.35 18.42
CA ALA D 73 -3.64 4.82 17.58
C ALA D 73 -3.62 6.35 17.61
N ASN D 74 -3.49 6.90 18.82
CA ASN D 74 -3.46 8.33 19.08
C ASN D 74 -2.21 8.96 18.49
N LEU D 75 -2.38 10.14 17.89
CA LEU D 75 -1.28 10.90 17.32
C LEU D 75 -0.82 11.92 18.35
N VAL D 76 0.49 11.97 18.60
CA VAL D 76 1.07 12.97 19.53
C VAL D 76 1.90 13.90 18.68
N ILE D 77 1.60 15.20 18.76
CA ILE D 77 2.34 16.23 18.05
C ILE D 77 3.12 16.98 19.11
N SER D 78 4.44 16.89 19.05
CA SER D 78 5.32 17.58 20.00
C SER D 78 5.60 19.00 19.55
N ALA D 79 5.80 19.92 20.53
CA ALA D 79 6.20 21.31 20.29
C ALA D 79 5.30 21.97 19.24
N SER D 80 3.99 22.09 19.57
CA SER D 80 2.97 22.60 18.63
C SER D 80 3.33 23.97 18.06
N GLN D 81 3.11 24.13 16.77
CA GLN D 81 3.39 25.36 16.04
C GLN D 81 2.09 25.87 15.46
N LEU D 82 2.03 27.18 15.11
CA LEU D 82 0.84 27.78 14.48
C LEU D 82 0.44 27.07 13.19
N GLY D 83 1.44 26.67 12.40
CA GLY D 83 1.24 25.88 11.18
C GLY D 83 0.57 24.52 11.41
N ASP D 84 0.52 24.03 12.67
CA ASP D 84 -0.13 22.75 12.97
C ASP D 84 -1.68 22.85 13.01
N SER D 85 -2.25 24.09 13.09
CA SER D 85 -3.70 24.28 13.06
C SER D 85 -4.20 23.77 11.68
N ALA D 86 -5.01 22.71 11.70
CA ALA D 86 -5.51 21.99 10.52
C ALA D 86 -6.43 20.85 10.98
N MET D 87 -7.03 20.14 10.01
CA MET D 87 -7.85 18.94 10.28
C MET D 87 -6.87 17.75 10.24
N TYR D 88 -7.03 16.80 11.17
CA TYR D 88 -6.22 15.58 11.26
C TYR D 88 -7.14 14.36 11.14
N PHE D 89 -6.84 13.49 10.19
CA PHE D 89 -7.60 12.27 9.93
C PHE D 89 -6.82 11.03 10.28
N CYS D 90 -7.46 10.13 11.04
CA CYS D 90 -6.92 8.82 11.39
C CYS D 90 -7.57 7.88 10.37
N ALA D 91 -6.79 6.94 9.83
CA ALA D 91 -7.29 6.08 8.76
C ALA D 91 -6.64 4.72 8.85
N MET D 92 -7.28 3.71 8.29
CA MET D 92 -6.79 2.34 8.34
C MET D 92 -7.18 1.57 7.10
N ARG D 93 -6.35 0.58 6.76
CA ARG D 93 -6.58 -0.41 5.72
C ARG D 93 -6.37 -1.77 6.41
N ASP D 94 -7.12 -2.80 6.03
CA ASP D 94 -6.91 -4.11 6.65
C ASP D 94 -7.04 -5.25 5.64
N LEU D 95 -6.62 -6.46 6.06
CA LEU D 95 -6.61 -7.67 5.21
C LEU D 95 -7.96 -8.08 4.58
N ARG D 96 -9.12 -7.73 5.20
CA ARG D 96 -10.46 -8.14 4.68
C ARG D 96 -10.68 -7.91 3.17
N ASP D 97 -10.27 -6.76 2.63
CA ASP D 97 -10.42 -6.48 1.20
C ASP D 97 -9.05 -6.34 0.53
N ASN D 98 -8.01 -7.06 1.09
CA ASN D 98 -6.62 -7.04 0.62
C ASN D 98 -6.03 -5.64 0.75
N PHE D 99 -6.37 -4.92 1.82
CA PHE D 99 -5.88 -3.54 2.09
C PHE D 99 -6.27 -2.53 1.00
N ASN D 100 -7.36 -2.76 0.28
CA ASN D 100 -7.77 -1.88 -0.80
C ASN D 100 -8.22 -0.50 -0.33
N LYS D 101 -9.36 -0.45 0.34
CA LYS D 101 -9.96 0.81 0.78
C LYS D 101 -9.33 1.39 2.02
N PHE D 102 -9.26 2.73 2.07
CA PHE D 102 -8.89 3.47 3.25
C PHE D 102 -10.20 3.73 4.00
N TYR D 103 -10.24 3.46 5.30
CA TYR D 103 -11.39 3.82 6.15
C TYR D 103 -10.89 5.05 6.92
N PHE D 104 -11.51 6.20 6.72
CA PHE D 104 -11.13 7.46 7.36
C PHE D 104 -12.08 7.83 8.49
N GLY D 105 -11.53 8.39 9.57
CA GLY D 105 -12.32 8.95 10.67
C GLY D 105 -12.91 10.28 10.27
N SER D 106 -13.76 10.87 11.15
CA SER D 106 -14.46 12.14 10.89
C SER D 106 -13.49 13.32 10.96
N GLY D 107 -12.33 13.09 11.56
CA GLY D 107 -11.33 14.13 11.70
C GLY D 107 -11.46 14.96 12.96
N THR D 108 -10.33 15.59 13.33
CA THR D 108 -10.21 16.45 14.47
C THR D 108 -9.58 17.78 14.02
N LYS D 109 -10.25 18.87 14.33
CA LYS D 109 -9.80 20.22 14.02
C LYS D 109 -8.91 20.69 15.19
N LEU D 110 -7.60 20.79 14.94
CA LEU D 110 -6.63 21.26 15.90
C LEU D 110 -6.51 22.78 15.80
N ASN D 111 -6.70 23.48 16.91
CA ASN D 111 -6.55 24.93 17.02
C ASN D 111 -5.39 25.24 17.99
N VAL D 112 -4.24 25.65 17.43
CA VAL D 112 -3.02 26.00 18.18
C VAL D 112 -3.13 27.49 18.54
N LYS D 113 -3.23 27.76 19.84
CA LYS D 113 -3.39 29.12 20.33
C LYS D 113 -2.05 29.78 20.65
N PRO D 114 -1.82 31.01 20.17
CA PRO D 114 -0.57 31.71 20.49
C PRO D 114 -0.57 32.16 21.96
N ASN D 115 0.62 32.38 22.53
CA ASN D 115 0.77 32.85 23.89
C ASN D 115 0.91 34.39 23.79
N ILE D 116 -0.20 35.13 24.03
CA ILE D 116 -0.18 36.59 23.88
C ILE D 116 0.52 37.25 25.05
N GLN D 117 1.76 37.68 24.81
CA GLN D 117 2.70 38.30 25.75
C GLN D 117 2.12 39.52 26.46
N ASN D 118 1.78 40.57 25.70
CA ASN D 118 1.24 41.81 26.26
C ASN D 118 -0.06 42.17 25.56
N PRO D 119 -1.20 41.60 26.02
CA PRO D 119 -2.49 41.91 25.37
C PRO D 119 -2.82 43.40 25.45
N ASP D 120 -3.34 43.96 24.33
CA ASP D 120 -3.70 45.37 24.23
C ASP D 120 -4.97 45.45 23.37
N PRO D 121 -6.11 44.88 23.85
CA PRO D 121 -7.34 44.84 23.04
C PRO D 121 -7.83 46.19 22.56
N ALA D 122 -8.15 46.27 21.27
CA ALA D 122 -8.59 47.50 20.63
C ALA D 122 -9.42 47.23 19.37
N VAL D 123 -10.35 48.14 19.04
CA VAL D 123 -11.15 48.02 17.83
C VAL D 123 -10.85 49.28 16.99
N TYR D 124 -10.21 49.11 15.82
CA TYR D 124 -9.83 50.21 14.94
C TYR D 124 -10.70 50.31 13.70
N GLN D 125 -10.84 51.52 13.13
CA GLN D 125 -11.59 51.70 11.89
C GLN D 125 -10.58 51.93 10.80
N LEU D 126 -10.71 51.19 9.71
CA LEU D 126 -9.78 51.25 8.59
C LEU D 126 -10.56 51.67 7.37
N ARG D 127 -10.01 52.64 6.61
CA ARG D 127 -10.68 53.18 5.45
C ARG D 127 -10.04 52.75 4.15
N ASP D 128 -10.90 52.50 3.15
CA ASP D 128 -10.53 52.06 1.82
C ASP D 128 -9.50 53.00 1.20
N SER D 129 -8.39 52.45 0.65
CA SER D 129 -7.32 53.23 0.00
C SER D 129 -7.83 53.98 -1.25
N LYS D 130 -9.02 53.59 -1.77
CA LYS D 130 -9.62 54.18 -2.97
C LYS D 130 -10.74 55.18 -2.71
N SER D 131 -11.05 56.01 -3.74
CA SER D 131 -12.09 57.07 -3.79
C SER D 131 -13.50 56.57 -3.47
N SER D 132 -13.69 56.08 -2.23
CA SER D 132 -14.96 55.60 -1.69
C SER D 132 -15.01 55.89 -0.20
N ASP D 133 -16.23 55.94 0.37
CA ASP D 133 -16.45 56.15 1.80
C ASP D 133 -16.76 54.78 2.45
N LYS D 134 -15.91 53.78 2.14
CA LYS D 134 -16.04 52.42 2.65
C LYS D 134 -15.10 52.20 3.85
N SER D 135 -15.58 51.44 4.83
CA SER D 135 -14.86 51.16 6.05
C SER D 135 -14.85 49.68 6.46
N VAL D 136 -13.92 49.34 7.38
CA VAL D 136 -13.77 48.05 7.99
C VAL D 136 -13.46 48.23 9.47
N CYS D 137 -13.90 47.29 10.32
CA CYS D 137 -13.66 47.33 11.75
C CYS D 137 -12.69 46.22 12.09
N LEU D 138 -11.56 46.56 12.72
CA LEU D 138 -10.54 45.56 13.07
C LEU D 138 -10.41 45.42 14.58
N PHE D 139 -10.80 44.25 15.13
CA PHE D 139 -10.64 43.93 16.55
C PHE D 139 -9.33 43.19 16.63
N THR D 140 -8.36 43.78 17.31
CA THR D 140 -7.02 43.18 17.36
C THR D 140 -6.37 43.23 18.73
N ASP D 141 -5.30 42.42 18.90
CA ASP D 141 -4.44 42.42 20.08
C ASP D 141 -5.02 41.85 21.38
N PHE D 142 -6.11 41.09 21.25
CA PHE D 142 -6.76 40.47 22.39
C PHE D 142 -6.05 39.14 22.72
N ASP D 143 -6.14 38.70 23.99
CA ASP D 143 -5.52 37.45 24.41
C ASP D 143 -6.28 36.25 23.82
N SER D 144 -5.62 35.08 23.76
CA SER D 144 -6.16 33.85 23.16
C SER D 144 -7.41 33.27 23.85
N GLN D 145 -7.71 33.73 25.07
CA GLN D 145 -8.90 33.28 25.80
C GLN D 145 -10.16 34.03 25.34
N THR D 146 -10.03 35.33 24.90
CA THR D 146 -11.15 36.13 24.38
C THR D 146 -11.70 35.40 23.15
N ASN D 147 -13.03 35.23 23.09
CA ASN D 147 -13.66 34.56 21.97
C ASN D 147 -14.48 35.52 21.14
N VAL D 148 -14.42 35.36 19.81
CA VAL D 148 -15.17 36.21 18.89
C VAL D 148 -16.41 35.44 18.48
N SER D 149 -17.56 36.03 18.75
CA SER D 149 -18.84 35.42 18.42
C SER D 149 -19.29 35.91 17.07
N GLN D 150 -19.99 35.03 16.34
CA GLN D 150 -20.57 35.41 15.05
C GLN D 150 -21.75 36.34 15.33
N SER D 151 -21.98 37.30 14.43
CA SER D 151 -23.04 38.29 14.59
C SER D 151 -24.41 37.67 14.49
N LYS D 152 -25.37 38.23 15.25
CA LYS D 152 -26.77 37.81 15.20
C LYS D 152 -27.58 38.79 14.29
N ASP D 153 -26.84 39.60 13.50
N ASP D 153 -26.86 39.62 13.50
CA ASP D 153 -27.37 40.56 12.53
CA ASP D 153 -27.40 40.57 12.53
C ASP D 153 -27.01 40.05 11.14
C ASP D 153 -27.02 40.07 11.14
N SER D 154 -28.02 39.99 10.25
CA SER D 154 -27.88 39.49 8.87
C SER D 154 -26.98 40.32 7.97
N ASP D 155 -26.99 41.65 8.17
CA ASP D 155 -26.18 42.54 7.35
C ASP D 155 -24.81 42.92 7.94
N VAL D 156 -24.41 42.28 9.08
CA VAL D 156 -23.11 42.47 9.71
C VAL D 156 -22.27 41.19 9.56
N TYR D 157 -21.13 41.29 8.85
CA TYR D 157 -20.21 40.19 8.61
C TYR D 157 -19.01 40.27 9.54
N ILE D 158 -18.80 39.20 10.33
CA ILE D 158 -17.67 39.09 11.26
C ILE D 158 -16.86 37.81 10.95
N THR D 159 -15.55 37.97 10.76
CA THR D 159 -14.68 36.83 10.48
C THR D 159 -14.37 36.08 11.80
N ASP D 160 -13.81 34.86 11.73
CA ASP D 160 -13.36 34.17 12.93
C ASP D 160 -11.97 34.76 13.25
N LYS D 161 -11.50 34.64 14.50
CA LYS D 161 -10.20 35.15 14.89
C LYS D 161 -9.09 34.50 14.06
N CYS D 162 -8.13 35.33 13.63
CA CYS D 162 -7.01 34.95 12.77
C CYS D 162 -5.75 35.33 13.54
N VAL D 163 -4.75 34.42 13.59
CA VAL D 163 -3.47 34.67 14.24
C VAL D 163 -2.44 35.08 13.19
N LEU D 164 -1.86 36.28 13.32
CA LEU D 164 -0.76 36.62 12.42
C LEU D 164 0.60 36.53 13.20
N ASP D 165 1.66 36.24 12.52
CA ASP D 165 2.97 36.05 13.13
C ASP D 165 4.02 36.88 12.38
N MET D 166 4.45 37.99 13.00
CA MET D 166 5.50 38.87 12.47
C MET D 166 6.81 38.21 12.90
N ARG D 167 7.26 37.26 12.10
CA ARG D 167 8.41 36.40 12.33
C ARG D 167 9.68 37.10 12.82
N SER D 168 10.09 38.22 12.17
CA SER D 168 11.33 38.94 12.50
C SER D 168 11.47 39.31 13.97
N MET D 169 10.36 39.71 14.59
CA MET D 169 10.30 40.11 16.00
C MET D 169 9.62 39.08 16.89
N ASP D 170 9.27 37.91 16.33
CA ASP D 170 8.56 36.83 17.03
C ASP D 170 7.35 37.41 17.78
N PHE D 171 6.55 38.22 17.05
CA PHE D 171 5.38 38.85 17.63
C PHE D 171 4.16 38.24 17.00
N LYS D 172 3.28 37.71 17.82
CA LYS D 172 2.04 37.10 17.38
C LYS D 172 0.86 37.93 17.89
N SER D 173 -0.16 38.10 17.03
CA SER D 173 -1.39 38.80 17.40
C SER D 173 -2.64 38.20 16.75
N ASN D 174 -3.73 38.23 17.52
CA ASN D 174 -5.06 37.77 17.16
C ASN D 174 -5.83 38.95 16.56
N SER D 175 -6.70 38.66 15.59
CA SER D 175 -7.60 39.69 15.04
C SER D 175 -8.87 39.10 14.43
N ALA D 176 -9.92 39.91 14.36
CA ALA D 176 -11.20 39.58 13.73
C ALA D 176 -11.64 40.85 12.96
N VAL D 177 -12.24 40.66 11.78
CA VAL D 177 -12.68 41.75 10.89
C VAL D 177 -14.21 41.78 10.81
N ALA D 178 -14.78 42.98 10.95
CA ALA D 178 -16.23 43.20 10.82
C ALA D 178 -16.49 44.32 9.82
N TRP D 179 -17.55 44.16 9.01
CA TRP D 179 -17.98 45.13 8.00
C TRP D 179 -19.47 44.96 7.72
N SER D 180 -20.13 46.04 7.25
CA SER D 180 -21.56 46.08 6.94
C SER D 180 -21.87 47.28 6.05
N ASN D 181 -22.94 47.18 5.25
CA ASN D 181 -23.38 48.28 4.40
C ASN D 181 -24.44 49.16 5.09
N LYS D 182 -24.92 48.71 6.27
CA LYS D 182 -25.89 49.40 7.12
C LYS D 182 -25.38 50.78 7.57
N SER D 183 -26.27 51.79 7.61
CA SER D 183 -25.98 53.18 7.98
C SER D 183 -25.65 53.38 9.48
N ASP D 184 -26.25 52.56 10.36
CA ASP D 184 -26.04 52.67 11.82
C ASP D 184 -24.78 51.95 12.30
N PHE D 185 -24.18 51.11 11.42
CA PHE D 185 -22.98 50.33 11.72
C PHE D 185 -21.75 51.20 12.01
N ALA D 186 -21.24 51.06 13.23
CA ALA D 186 -20.06 51.75 13.75
C ALA D 186 -19.22 50.75 14.54
N CYS D 187 -17.89 50.91 14.50
CA CYS D 187 -16.97 50.01 15.21
C CYS D 187 -17.25 49.87 16.72
N ALA D 188 -17.99 50.86 17.30
CA ALA D 188 -18.43 50.86 18.70
C ALA D 188 -19.41 49.70 18.97
N ASN D 189 -20.28 49.35 18.00
CA ASN D 189 -21.27 48.28 18.09
C ASN D 189 -20.91 46.96 17.38
N ALA D 190 -19.94 47.00 16.41
CA ALA D 190 -19.49 45.84 15.61
C ALA D 190 -19.36 44.50 16.34
N PHE D 191 -18.77 44.51 17.55
CA PHE D 191 -18.52 43.30 18.33
C PHE D 191 -19.37 43.18 19.62
N ASN D 192 -20.62 43.68 19.56
CA ASN D 192 -21.54 43.62 20.71
C ASN D 192 -21.90 42.17 21.06
N ASN D 193 -22.05 41.31 20.05
CA ASN D 193 -22.35 39.89 20.22
C ASN D 193 -21.24 39.12 20.93
N SER D 194 -20.02 39.67 20.96
CA SER D 194 -18.87 39.04 21.58
C SER D 194 -18.63 39.59 22.99
N ILE D 195 -18.09 38.75 23.87
CA ILE D 195 -17.70 39.23 25.19
C ILE D 195 -16.23 39.61 25.01
N ILE D 196 -16.02 40.92 24.91
CA ILE D 196 -14.71 41.53 24.66
C ILE D 196 -14.19 42.10 25.99
N PRO D 197 -12.86 42.26 26.21
CA PRO D 197 -12.40 42.84 27.49
C PRO D 197 -13.03 44.21 27.74
N GLU D 198 -13.50 44.45 28.99
CA GLU D 198 -14.14 45.72 29.37
C GLU D 198 -13.31 46.96 29.05
N ASP D 199 -11.97 46.80 29.06
CA ASP D 199 -11.01 47.86 28.80
C ASP D 199 -10.50 47.95 27.34
N THR D 200 -11.24 47.30 26.38
CA THR D 200 -10.89 47.34 24.95
C THR D 200 -10.84 48.80 24.46
N PHE D 201 -9.74 49.16 23.80
CA PHE D 201 -9.50 50.50 23.29
C PHE D 201 -10.39 50.86 22.09
N PHE D 202 -11.23 51.89 22.25
CA PHE D 202 -12.11 52.42 21.20
C PHE D 202 -11.69 53.86 20.90
N PRO D 203 -10.75 54.03 19.94
CA PRO D 203 -10.28 55.39 19.61
C PRO D 203 -11.37 56.30 19.03
N SER D 204 -11.26 57.62 19.31
CA SER D 204 -12.20 58.67 18.86
C SER D 204 -12.29 58.77 17.34
N ASN E 1 9.45 12.26 -7.40
CA ASN E 1 9.91 13.61 -7.08
C ASN E 1 8.74 14.48 -6.62
N ALA E 2 7.96 15.03 -7.58
CA ALA E 2 6.77 15.87 -7.33
C ALA E 2 5.65 15.03 -6.71
N GLY E 3 5.71 13.72 -6.96
CA GLY E 3 4.74 12.76 -6.47
C GLY E 3 3.51 12.72 -7.36
N VAL E 4 2.36 12.98 -6.77
CA VAL E 4 1.09 12.97 -7.49
C VAL E 4 0.62 14.40 -7.85
N THR E 5 0.54 14.66 -9.16
CA THR E 5 0.06 15.94 -9.70
C THR E 5 -1.35 15.78 -10.25
N GLN E 6 -2.29 16.29 -9.46
CA GLN E 6 -3.73 16.27 -9.72
C GLN E 6 -4.18 17.66 -10.19
N THR E 7 -4.80 17.74 -11.41
CA THR E 7 -5.32 18.99 -11.98
C THR E 7 -6.80 18.86 -12.46
N PRO E 8 -7.61 19.96 -12.45
CA PRO E 8 -7.29 21.31 -11.92
C PRO E 8 -7.49 21.30 -10.41
N LYS E 9 -7.00 22.33 -9.69
CA LYS E 9 -7.18 22.46 -8.25
C LYS E 9 -8.60 22.90 -7.95
N PHE E 10 -9.17 23.71 -8.86
CA PHE E 10 -10.54 24.27 -8.74
C PHE E 10 -11.28 24.11 -10.05
N GLN E 11 -12.58 23.86 -9.97
CA GLN E 11 -13.42 23.76 -11.17
C GLN E 11 -14.88 24.10 -10.90
N VAL E 12 -15.48 24.88 -11.80
CA VAL E 12 -16.91 25.21 -11.75
C VAL E 12 -17.47 24.58 -13.07
N LEU E 13 -18.61 23.85 -12.97
CA LEU E 13 -19.20 23.20 -14.14
C LEU E 13 -20.68 23.43 -14.24
N LYS E 14 -21.19 23.57 -15.48
CA LYS E 14 -22.65 23.65 -15.63
C LYS E 14 -23.22 22.21 -15.68
N THR E 15 -24.35 21.98 -15.03
CA THR E 15 -25.08 20.70 -15.05
C THR E 15 -25.20 20.20 -16.52
N GLY E 16 -24.85 18.93 -16.74
CA GLY E 16 -24.88 18.28 -18.04
C GLY E 16 -23.56 18.33 -18.78
N GLN E 17 -22.62 19.18 -18.32
CA GLN E 17 -21.33 19.30 -19.00
C GLN E 17 -20.38 18.17 -18.58
N SER E 18 -19.40 17.90 -19.44
CA SER E 18 -18.44 16.85 -19.15
C SER E 18 -17.19 17.50 -18.54
N MET E 19 -16.24 16.69 -18.08
CA MET E 19 -14.93 17.12 -17.54
C MET E 19 -14.07 15.92 -17.24
N THR E 20 -12.77 16.09 -17.42
CA THR E 20 -11.78 15.08 -17.09
C THR E 20 -10.90 15.65 -16.00
N LEU E 21 -10.81 14.95 -14.87
CA LEU E 21 -9.90 15.31 -13.76
C LEU E 21 -8.63 14.55 -14.08
N GLN E 22 -7.49 15.26 -14.10
CA GLN E 22 -6.21 14.67 -14.47
C GLN E 22 -5.38 14.27 -13.26
N CYS E 23 -4.71 13.12 -13.37
CA CYS E 23 -3.82 12.63 -12.32
C CYS E 23 -2.64 11.89 -12.88
N ALA E 24 -1.45 12.39 -12.58
CA ALA E 24 -0.18 11.82 -12.98
C ALA E 24 0.64 11.60 -11.71
N GLN E 25 1.44 10.54 -11.73
CA GLN E 25 2.32 10.19 -10.63
C GLN E 25 3.68 9.86 -11.28
N ASP E 26 4.78 10.35 -10.71
CA ASP E 26 6.11 10.12 -11.27
C ASP E 26 6.95 9.14 -10.42
N MET E 27 6.28 8.33 -9.59
CA MET E 27 6.92 7.41 -8.65
C MET E 27 6.91 5.92 -9.04
N ASN E 28 6.55 5.61 -10.30
CA ASN E 28 6.41 4.24 -10.79
C ASN E 28 5.37 3.44 -9.96
N HIS E 29 4.39 4.13 -9.36
CA HIS E 29 3.36 3.49 -8.53
C HIS E 29 2.42 2.64 -9.37
N GLU E 30 2.23 1.36 -8.97
CA GLU E 30 1.32 0.44 -9.69
C GLU E 30 -0.14 0.70 -9.34
N TYR E 31 -0.39 1.18 -8.13
CA TYR E 31 -1.75 1.43 -7.67
C TYR E 31 -2.17 2.91 -7.73
N MET E 32 -3.36 3.17 -8.31
CA MET E 32 -3.93 4.54 -8.33
C MET E 32 -5.40 4.47 -8.07
N SER E 33 -5.93 5.50 -7.39
CA SER E 33 -7.35 5.51 -7.02
C SER E 33 -7.94 6.93 -7.00
N TRP E 34 -9.25 7.01 -7.00
CA TRP E 34 -9.95 8.28 -6.87
C TRP E 34 -10.90 8.21 -5.72
N TYR E 35 -10.86 9.22 -4.86
CA TYR E 35 -11.77 9.34 -3.74
C TYR E 35 -12.51 10.67 -3.82
N ARG E 36 -13.68 10.77 -3.19
CA ARG E 36 -14.38 12.05 -3.04
C ARG E 36 -14.60 12.28 -1.55
N GLN E 37 -14.41 13.52 -1.09
CA GLN E 37 -14.60 13.89 0.30
C GLN E 37 -15.86 14.76 0.43
N ASP E 38 -16.82 14.35 1.29
CA ASP E 38 -18.10 15.07 1.53
C ASP E 38 -18.47 15.15 3.01
N PRO E 39 -19.16 16.21 3.47
CA PRO E 39 -19.53 16.28 4.89
C PRO E 39 -20.47 15.13 5.32
N GLY E 40 -20.03 14.38 6.32
CA GLY E 40 -20.77 13.25 6.87
C GLY E 40 -20.46 11.92 6.21
N MET E 41 -20.22 11.96 4.89
CA MET E 41 -19.93 10.78 4.10
C MET E 41 -18.47 10.33 4.19
N GLY E 42 -17.63 11.22 4.72
CA GLY E 42 -16.20 10.99 4.89
C GLY E 42 -15.49 10.89 3.56
N LEU E 43 -14.53 9.97 3.44
CA LEU E 43 -13.82 9.74 2.19
C LEU E 43 -14.28 8.43 1.60
N ARG E 44 -14.82 8.48 0.37
CA ARG E 44 -15.33 7.30 -0.32
C ARG E 44 -14.60 7.02 -1.60
N LEU E 45 -14.31 5.74 -1.84
CA LEU E 45 -13.63 5.30 -3.03
C LEU E 45 -14.59 5.28 -4.24
N ILE E 46 -14.16 5.89 -5.35
CA ILE E 46 -14.93 5.98 -6.61
C ILE E 46 -14.55 4.81 -7.53
N HIS E 47 -13.30 4.79 -7.96
CA HIS E 47 -12.75 3.76 -8.83
C HIS E 47 -11.29 3.56 -8.44
N TYR E 48 -10.68 2.41 -8.79
CA TYR E 48 -9.25 2.15 -8.51
C TYR E 48 -8.61 1.31 -9.59
N SER E 49 -7.29 1.39 -9.69
CA SER E 49 -6.53 0.66 -10.68
C SER E 49 -5.33 0.03 -10.02
N VAL E 50 -5.21 -1.29 -10.17
CA VAL E 50 -4.07 -2.06 -9.64
C VAL E 50 -2.90 -2.15 -10.62
N GLY E 51 -3.07 -1.57 -11.80
CA GLY E 51 -2.05 -1.55 -12.84
C GLY E 51 -2.59 -1.20 -14.21
N ALA E 52 -1.68 -0.94 -15.17
CA ALA E 52 -2.00 -0.57 -16.56
C ALA E 52 -2.95 -1.58 -17.19
N GLY E 53 -4.05 -1.05 -17.74
CA GLY E 53 -5.10 -1.84 -18.37
C GLY E 53 -6.11 -2.44 -17.41
N ILE E 54 -5.97 -2.20 -16.09
CA ILE E 54 -6.89 -2.78 -15.10
C ILE E 54 -7.56 -1.68 -14.32
N THR E 55 -8.90 -1.69 -14.23
CA THR E 55 -9.64 -0.73 -13.41
C THR E 55 -10.79 -1.47 -12.76
N ASP E 56 -11.18 -1.07 -11.55
CA ASP E 56 -12.31 -1.65 -10.84
C ASP E 56 -13.13 -0.59 -10.14
N GLN E 57 -14.41 -0.90 -9.85
CA GLN E 57 -15.30 0.06 -9.18
C GLN E 57 -15.06 0.10 -7.70
N GLY E 58 -15.28 1.29 -7.11
CA GLY E 58 -15.19 1.49 -5.67
C GLY E 58 -16.57 1.49 -5.07
N GLU E 59 -16.74 2.19 -3.95
CA GLU E 59 -18.00 2.30 -3.24
C GLU E 59 -19.02 3.15 -4.00
N VAL E 60 -18.55 4.23 -4.67
CA VAL E 60 -19.43 5.17 -5.39
C VAL E 60 -19.02 5.37 -6.87
N PRO E 61 -19.11 4.34 -7.75
CA PRO E 61 -18.64 4.51 -9.13
C PRO E 61 -19.61 5.18 -10.09
N ASN E 62 -20.92 5.27 -9.74
CA ASN E 62 -21.91 5.78 -10.70
C ASN E 62 -21.73 7.23 -11.09
N GLY E 63 -21.81 7.49 -12.40
CA GLY E 63 -21.61 8.82 -12.98
C GLY E 63 -20.16 9.17 -13.21
N TYR E 64 -19.24 8.21 -12.96
CA TYR E 64 -17.81 8.36 -13.13
C TYR E 64 -17.27 7.26 -14.02
N ASN E 65 -16.21 7.57 -14.74
CA ASN E 65 -15.50 6.58 -15.53
C ASN E 65 -13.98 6.85 -15.47
N VAL E 66 -13.19 5.79 -15.53
CA VAL E 66 -11.73 5.88 -15.45
C VAL E 66 -11.07 5.08 -16.55
N SER E 67 -9.78 5.37 -16.79
CA SER E 67 -8.98 4.56 -17.69
C SER E 67 -7.55 4.53 -17.19
N ARG E 68 -6.86 3.40 -17.41
CA ARG E 68 -5.45 3.28 -17.02
C ARG E 68 -4.62 2.81 -18.21
N SER E 69 -4.41 3.73 -19.15
CA SER E 69 -3.64 3.44 -20.37
C SER E 69 -2.17 3.20 -20.06
N THR E 70 -1.60 4.02 -19.19
CA THR E 70 -0.22 3.91 -18.73
C THR E 70 -0.22 3.88 -17.18
N THR E 71 0.90 3.44 -16.59
CA THR E 71 1.15 3.41 -15.15
C THR E 71 1.10 4.84 -14.58
N GLU E 72 1.63 5.82 -15.33
CA GLU E 72 1.73 7.22 -14.87
C GLU E 72 0.42 7.95 -14.68
N ASP E 73 -0.54 7.75 -15.59
CA ASP E 73 -1.80 8.52 -15.53
C ASP E 73 -3.05 7.74 -15.16
N PHE E 74 -3.97 8.40 -14.45
CA PHE E 74 -5.25 7.80 -14.09
C PHE E 74 -6.38 8.87 -14.16
N PRO E 75 -6.82 9.23 -15.38
CA PRO E 75 -7.86 10.27 -15.48
C PRO E 75 -9.26 9.84 -15.04
N LEU E 76 -9.97 10.76 -14.38
CA LEU E 76 -11.35 10.56 -13.94
C LEU E 76 -12.23 11.37 -14.88
N ARG E 77 -13.20 10.70 -15.54
CA ARG E 77 -14.12 11.40 -16.45
C ARG E 77 -15.52 11.53 -15.86
N LEU E 78 -16.13 12.72 -15.94
CA LEU E 78 -17.53 12.99 -15.55
C LEU E 78 -18.22 13.28 -16.88
N LEU E 79 -18.93 12.29 -17.44
CA LEU E 79 -19.59 12.41 -18.73
C LEU E 79 -20.70 13.50 -18.76
N SER E 80 -21.47 13.62 -17.65
CA SER E 80 -22.60 14.55 -17.54
C SER E 80 -22.75 15.05 -16.09
N ALA E 81 -22.21 16.24 -15.80
CA ALA E 81 -22.20 16.84 -14.47
C ALA E 81 -23.59 16.95 -13.84
N ALA E 82 -23.68 16.52 -12.60
CA ALA E 82 -24.88 16.56 -11.79
C ALA E 82 -24.54 17.34 -10.52
N PRO E 83 -25.46 18.16 -9.95
CA PRO E 83 -25.12 18.94 -8.74
C PRO E 83 -24.65 18.07 -7.57
N SER E 84 -25.12 16.81 -7.47
CA SER E 84 -24.70 15.85 -6.43
C SER E 84 -23.18 15.56 -6.51
N GLN E 85 -22.53 15.88 -7.66
CA GLN E 85 -21.10 15.69 -7.90
C GLN E 85 -20.23 16.82 -7.35
N THR E 86 -20.87 17.84 -6.72
CA THR E 86 -20.15 18.93 -6.06
C THR E 86 -19.43 18.28 -4.87
N SER E 87 -18.10 18.31 -4.91
CA SER E 87 -17.28 17.65 -3.89
C SER E 87 -15.83 18.09 -4.01
N VAL E 88 -14.97 17.45 -3.20
CA VAL E 88 -13.53 17.63 -3.28
C VAL E 88 -13.03 16.25 -3.67
N TYR E 89 -12.37 16.14 -4.84
CA TYR E 89 -11.89 14.86 -5.36
C TYR E 89 -10.41 14.71 -5.11
N PHE E 90 -9.99 13.51 -4.69
CA PHE E 90 -8.59 13.23 -4.43
C PHE E 90 -8.10 12.02 -5.18
N CYS E 91 -6.97 12.18 -5.88
CA CYS E 91 -6.27 11.09 -6.52
C CYS E 91 -5.24 10.61 -5.50
N ALA E 92 -5.23 9.31 -5.20
CA ALA E 92 -4.31 8.67 -4.25
C ALA E 92 -3.60 7.53 -4.95
N SER E 93 -2.27 7.55 -4.94
CA SER E 93 -1.44 6.49 -5.53
C SER E 93 -0.57 5.82 -4.46
N ARG E 94 -0.11 4.58 -4.74
CA ARG E 94 0.79 3.83 -3.87
C ARG E 94 1.50 2.75 -4.65
N GLU E 95 2.56 2.18 -4.07
CA GLU E 95 3.44 1.22 -4.73
C GLU E 95 2.73 -0.05 -5.20
N GLY E 96 1.67 -0.41 -4.52
CA GLY E 96 0.88 -1.60 -4.84
C GLY E 96 -0.35 -1.67 -3.98
N LEU E 97 -1.16 -2.69 -4.20
CA LEU E 97 -2.41 -2.82 -3.43
C LEU E 97 -2.21 -2.80 -1.88
N GLY E 98 -1.20 -3.53 -1.41
CA GLY E 98 -0.84 -3.58 0.00
C GLY E 98 0.26 -2.59 0.36
N GLY E 99 0.44 -1.56 -0.45
CA GLY E 99 1.50 -0.57 -0.24
C GLY E 99 1.25 0.36 0.94
N THR E 100 2.33 0.93 1.52
CA THR E 100 2.26 1.87 2.66
C THR E 100 2.69 3.33 2.24
N GLU E 101 3.25 3.53 1.04
CA GLU E 101 3.59 4.90 0.57
C GLU E 101 2.24 5.49 0.09
N ALA E 102 1.36 5.77 1.02
CA ALA E 102 0.01 6.23 0.73
C ALA E 102 -0.12 7.79 0.56
N PHE E 103 0.19 8.27 -0.66
CA PHE E 103 0.20 9.69 -1.02
C PHE E 103 -1.05 10.15 -1.75
N PHE E 104 -1.45 11.39 -1.46
CA PHE E 104 -2.64 11.99 -2.07
C PHE E 104 -2.31 13.21 -2.94
N GLY E 105 -3.14 13.46 -3.96
CA GLY E 105 -3.02 14.63 -4.84
C GLY E 105 -3.46 15.87 -4.11
N GLN E 106 -3.33 17.05 -4.73
CA GLN E 106 -3.73 18.32 -4.08
C GLN E 106 -5.25 18.49 -3.83
N GLY E 107 -6.07 17.71 -4.52
CA GLY E 107 -7.51 17.81 -4.41
C GLY E 107 -8.07 18.69 -5.51
N THR E 108 -9.32 18.40 -5.90
CA THR E 108 -10.03 19.17 -6.91
C THR E 108 -11.33 19.60 -6.29
N ARG E 109 -11.51 20.91 -6.13
CA ARG E 109 -12.72 21.45 -5.54
C ARG E 109 -13.71 21.70 -6.70
N LEU E 110 -14.71 20.82 -6.81
CA LEU E 110 -15.68 20.89 -7.90
C LEU E 110 -17.00 21.45 -7.46
N THR E 111 -17.48 22.46 -8.20
CA THR E 111 -18.79 23.05 -7.98
C THR E 111 -19.59 22.88 -9.26
N VAL E 112 -20.67 22.10 -9.16
CA VAL E 112 -21.56 21.90 -10.30
C VAL E 112 -22.75 22.84 -10.08
N VAL E 113 -22.96 23.76 -11.03
CA VAL E 113 -24.07 24.75 -10.93
C VAL E 113 -25.12 24.53 -12.03
N GLU E 114 -26.38 24.88 -11.76
N GLU E 114 -26.37 24.89 -11.72
CA GLU E 114 -27.42 24.73 -12.77
CA GLU E 114 -27.52 24.79 -12.62
C GLU E 114 -27.26 25.82 -13.85
C GLU E 114 -27.49 25.87 -13.72
N ASP E 115 -26.89 27.05 -13.43
CA ASP E 115 -26.75 28.16 -14.35
C ASP E 115 -25.45 28.95 -14.07
N LEU E 116 -24.60 29.15 -15.09
CA LEU E 116 -23.36 29.90 -14.99
C LEU E 116 -23.53 31.39 -14.65
N ASN E 117 -24.78 31.93 -14.71
CA ASN E 117 -25.08 33.32 -14.38
C ASN E 117 -24.92 33.61 -12.88
N LYS E 118 -24.70 32.55 -12.08
CA LYS E 118 -24.49 32.63 -10.64
C LYS E 118 -22.98 32.81 -10.37
N VAL E 119 -22.16 32.72 -11.41
CA VAL E 119 -20.69 32.86 -11.32
C VAL E 119 -20.30 34.36 -11.40
N PHE E 120 -19.56 34.85 -10.36
CA PHE E 120 -19.10 36.24 -10.28
C PHE E 120 -17.62 36.34 -9.87
N PRO E 121 -16.80 37.24 -10.48
CA PRO E 121 -15.40 37.36 -10.00
C PRO E 121 -15.41 38.21 -8.71
N PRO E 122 -14.31 38.24 -7.90
CA PRO E 122 -14.35 39.07 -6.69
C PRO E 122 -14.12 40.55 -7.01
N GLU E 123 -14.60 41.42 -6.14
CA GLU E 123 -14.25 42.83 -6.13
C GLU E 123 -13.25 42.93 -4.95
N VAL E 124 -12.13 43.66 -5.11
CA VAL E 124 -11.09 43.65 -4.08
C VAL E 124 -10.79 45.09 -3.64
N ALA E 125 -10.65 45.28 -2.32
CA ALA E 125 -10.33 46.57 -1.73
C ALA E 125 -9.29 46.40 -0.62
N VAL E 126 -8.39 47.38 -0.51
CA VAL E 126 -7.38 47.43 0.56
C VAL E 126 -7.79 48.55 1.49
N PHE E 127 -7.86 48.25 2.78
CA PHE E 127 -8.23 49.16 3.83
C PHE E 127 -6.93 49.56 4.58
N GLU E 128 -6.63 50.86 4.56
CA GLU E 128 -5.38 51.40 5.11
C GLU E 128 -5.29 51.38 6.64
N PRO E 129 -4.05 51.29 7.18
CA PRO E 129 -3.87 51.32 8.65
C PRO E 129 -4.46 52.55 9.33
N SER E 130 -5.05 52.35 10.50
CA SER E 130 -5.63 53.39 11.35
C SER E 130 -4.50 54.21 12.01
N GLU E 131 -4.66 55.55 12.07
CA GLU E 131 -3.67 56.44 12.70
C GLU E 131 -3.61 56.13 14.20
N ALA E 132 -4.77 55.73 14.77
CA ALA E 132 -4.91 55.33 16.17
C ALA E 132 -4.11 54.07 16.45
N GLU E 133 -4.09 53.10 15.49
CA GLU E 133 -3.31 51.88 15.70
C GLU E 133 -1.83 52.23 15.73
N ILE E 134 -1.37 53.03 14.74
CA ILE E 134 0.01 53.48 14.61
C ILE E 134 0.45 54.17 15.90
N SER E 135 -0.38 55.09 16.43
CA SER E 135 -0.08 55.84 17.66
C SER E 135 -0.15 54.97 18.93
N HIS E 136 -1.06 54.00 18.98
CA HIS E 136 -1.22 53.16 20.17
C HIS E 136 -0.21 52.01 20.26
N THR E 137 0.18 51.41 19.12
CA THR E 137 1.02 50.21 19.11
C THR E 137 2.33 50.23 18.32
N GLN E 138 2.58 51.28 17.53
N GLN E 138 2.57 51.29 17.53
CA GLN E 138 3.79 51.36 16.71
CA GLN E 138 3.72 51.41 16.63
C GLN E 138 3.76 50.32 15.55
C GLN E 138 3.73 50.33 15.52
N LYS E 139 2.54 49.79 15.26
CA LYS E 139 2.28 48.79 14.21
C LYS E 139 1.16 49.30 13.29
N ALA E 140 1.12 48.77 12.05
CA ALA E 140 0.14 49.19 11.05
C ALA E 140 -0.44 47.98 10.36
N THR E 141 -1.73 47.76 10.52
CA THR E 141 -2.39 46.62 9.91
C THR E 141 -3.17 47.08 8.71
N LEU E 142 -2.95 46.41 7.58
CA LEU E 142 -3.74 46.63 6.37
C LEU E 142 -4.74 45.49 6.31
N VAL E 143 -5.94 45.74 5.76
CA VAL E 143 -6.95 44.68 5.56
C VAL E 143 -7.30 44.58 4.07
N CYS E 144 -7.36 43.36 3.56
CA CYS E 144 -7.80 43.12 2.19
C CYS E 144 -9.18 42.49 2.29
N LEU E 145 -10.13 42.96 1.48
CA LEU E 145 -11.47 42.38 1.45
C LEU E 145 -11.82 42.02 0.02
N ALA E 146 -12.01 40.72 -0.23
CA ALA E 146 -12.47 40.18 -1.54
C ALA E 146 -13.97 39.89 -1.31
N THR E 147 -14.86 40.48 -2.12
CA THR E 147 -16.31 40.35 -1.93
C THR E 147 -17.04 39.97 -3.23
N GLY E 148 -18.26 39.45 -3.06
CA GLY E 148 -19.19 39.09 -4.13
C GLY E 148 -18.74 38.06 -5.15
N PHE E 149 -17.90 37.11 -4.76
CA PHE E 149 -17.44 36.12 -5.69
C PHE E 149 -18.16 34.77 -5.57
N TYR E 150 -18.27 34.05 -6.67
CA TYR E 150 -18.90 32.73 -6.72
C TYR E 150 -18.32 31.96 -7.89
N PRO E 151 -17.90 30.67 -7.74
CA PRO E 151 -17.82 29.86 -6.49
C PRO E 151 -16.67 30.35 -5.58
N ASP E 152 -16.55 29.78 -4.35
CA ASP E 152 -15.47 30.12 -3.40
C ASP E 152 -14.10 29.55 -3.81
N HIS E 153 -13.69 29.83 -5.04
CA HIS E 153 -12.47 29.32 -5.64
C HIS E 153 -11.48 30.46 -5.85
N VAL E 154 -10.82 30.87 -4.77
CA VAL E 154 -9.84 31.97 -4.80
C VAL E 154 -8.56 31.63 -4.00
N GLU E 155 -7.47 32.33 -4.36
CA GLU E 155 -6.15 32.25 -3.76
C GLU E 155 -5.77 33.71 -3.55
N LEU E 156 -5.71 34.13 -2.29
CA LEU E 156 -5.33 35.51 -1.93
C LEU E 156 -3.88 35.55 -1.53
N SER E 157 -3.13 36.53 -2.07
CA SER E 157 -1.73 36.74 -1.72
C SER E 157 -1.41 38.23 -1.51
N TRP E 158 -0.39 38.52 -0.68
CA TRP E 158 0.09 39.89 -0.45
C TRP E 158 1.44 40.09 -1.12
N TRP E 159 1.59 41.26 -1.75
CA TRP E 159 2.77 41.60 -2.49
C TRP E 159 3.27 42.95 -1.94
N VAL E 160 4.50 42.95 -1.44
CA VAL E 160 5.09 44.19 -0.90
C VAL E 160 6.30 44.53 -1.76
N ASN E 161 6.28 45.71 -2.42
CA ASN E 161 7.36 46.16 -3.31
C ASN E 161 7.68 45.11 -4.40
N GLY E 162 6.63 44.58 -5.03
CA GLY E 162 6.74 43.57 -6.08
C GLY E 162 7.09 42.15 -5.67
N LYS E 163 7.21 41.86 -4.35
CA LYS E 163 7.53 40.49 -3.89
C LYS E 163 6.46 39.93 -2.99
N GLU E 164 6.10 38.65 -3.18
CA GLU E 164 5.09 37.99 -2.35
C GLU E 164 5.56 37.85 -0.90
N VAL E 165 4.69 38.20 0.04
CA VAL E 165 5.04 38.13 1.47
C VAL E 165 4.20 37.12 2.22
N HIS E 166 4.80 36.46 3.23
CA HIS E 166 4.07 35.48 4.05
C HIS E 166 4.03 35.88 5.54
N SER E 167 5.15 36.44 6.03
CA SER E 167 5.28 36.88 7.41
C SER E 167 4.33 38.03 7.68
N GLY E 168 3.69 38.02 8.83
CA GLY E 168 2.77 39.07 9.27
C GLY E 168 1.42 39.07 8.59
N VAL E 169 1.10 37.97 7.89
CA VAL E 169 -0.16 37.78 7.17
C VAL E 169 -1.05 36.71 7.83
N CYS E 170 -2.36 37.01 7.87
CA CYS E 170 -3.37 36.03 8.24
C CYS E 170 -4.58 36.20 7.34
N THR E 171 -4.90 35.15 6.55
CA THR E 171 -6.05 35.12 5.66
C THR E 171 -7.06 34.12 6.27
N ASP E 172 -8.36 34.51 6.34
CA ASP E 172 -9.44 33.63 6.85
C ASP E 172 -9.31 32.23 6.23
N PRO E 173 -9.42 31.17 7.03
CA PRO E 173 -9.18 29.81 6.50
C PRO E 173 -10.13 29.41 5.36
N GLN E 174 -11.36 29.93 5.41
CA GLN E 174 -12.35 29.64 4.36
C GLN E 174 -13.20 30.88 3.99
N PRO E 175 -13.44 31.13 2.67
CA PRO E 175 -14.32 32.27 2.31
C PRO E 175 -15.69 32.11 2.97
N LEU E 176 -16.21 33.19 3.55
CA LEU E 176 -17.49 33.29 4.26
C LEU E 176 -18.65 33.58 3.26
N LYS E 177 -19.80 32.86 3.38
CA LYS E 177 -20.95 33.11 2.51
C LYS E 177 -21.63 34.42 2.90
N GLU E 178 -22.00 35.24 1.91
CA GLU E 178 -22.67 36.52 2.16
C GLU E 178 -24.13 36.27 2.58
N GLN E 179 -24.75 35.17 2.06
CA GLN E 179 -26.10 34.73 2.45
C GLN E 179 -25.95 33.22 2.75
N PRO E 180 -25.55 32.86 4.00
CA PRO E 180 -25.22 31.46 4.30
C PRO E 180 -26.19 30.32 3.98
N ALA E 181 -27.50 30.54 4.13
CA ALA E 181 -28.51 29.49 3.90
C ALA E 181 -28.70 29.12 2.43
N LEU E 182 -28.13 29.92 1.52
CA LEU E 182 -28.28 29.75 0.07
C LEU E 182 -27.09 29.03 -0.54
N ASN E 183 -27.35 28.00 -1.36
CA ASN E 183 -26.26 27.30 -2.06
C ASN E 183 -25.75 28.13 -3.29
N ASP E 184 -26.49 29.20 -3.61
N ASP E 184 -26.47 29.21 -3.64
CA ASP E 184 -26.31 30.16 -4.69
CA ASP E 184 -26.15 30.14 -4.74
C ASP E 184 -25.53 31.41 -4.21
C ASP E 184 -25.48 31.41 -4.22
N SER E 185 -25.34 31.54 -2.88
CA SER E 185 -24.70 32.70 -2.24
C SER E 185 -23.32 33.03 -2.75
N ARG E 186 -23.07 34.35 -2.91
CA ARG E 186 -21.72 34.85 -3.26
C ARG E 186 -20.87 34.87 -1.97
N TYR E 187 -19.57 34.93 -2.11
CA TYR E 187 -18.68 34.86 -0.95
C TYR E 187 -17.88 36.12 -0.66
N ALA E 188 -17.32 36.17 0.56
CA ALA E 188 -16.38 37.22 0.98
C ALA E 188 -15.19 36.55 1.70
N LEU E 189 -13.99 37.15 1.58
CA LEU E 189 -12.77 36.66 2.19
C LEU E 189 -11.97 37.89 2.66
N SER E 190 -11.52 37.86 3.94
CA SER E 190 -10.65 38.93 4.46
C SER E 190 -9.25 38.40 4.76
N SER E 191 -8.27 39.33 4.76
CA SER E 191 -6.87 39.04 5.07
C SER E 191 -6.24 40.30 5.69
N ARG E 192 -5.31 40.09 6.62
CA ARG E 192 -4.58 41.19 7.26
C ARG E 192 -3.10 41.01 6.98
N LEU E 193 -2.41 42.13 6.84
CA LEU E 193 -0.98 42.17 6.69
C LEU E 193 -0.55 43.24 7.72
N ARG E 194 0.28 42.85 8.71
CA ARG E 194 0.72 43.83 9.70
C ARG E 194 2.21 44.11 9.55
N VAL E 195 2.58 45.40 9.51
CA VAL E 195 3.98 45.84 9.38
C VAL E 195 4.26 46.84 10.53
N SER E 196 5.50 47.26 10.69
CA SER E 196 5.77 48.26 11.71
C SER E 196 5.21 49.61 11.19
N ALA E 197 4.91 50.56 12.09
CA ALA E 197 4.46 51.91 11.69
C ALA E 197 5.53 52.61 10.85
N THR E 198 6.84 52.39 11.14
CA THR E 198 7.94 53.00 10.42
C THR E 198 7.94 52.50 8.97
N PHE E 199 7.62 51.19 8.77
CA PHE E 199 7.58 50.62 7.41
C PHE E 199 6.41 51.24 6.60
N TRP E 200 5.24 51.40 7.24
CA TRP E 200 4.05 52.02 6.65
C TRP E 200 4.27 53.54 6.33
N GLN E 201 5.11 54.21 7.12
CA GLN E 201 5.38 55.63 6.99
C GLN E 201 6.30 56.04 5.84
N ASP E 202 6.58 55.13 4.90
CA ASP E 202 7.40 55.36 3.73
C ASP E 202 6.50 55.31 2.47
N PRO E 203 6.32 56.49 1.79
CA PRO E 203 5.45 56.55 0.60
C PRO E 203 5.88 55.71 -0.57
N ARG E 204 7.19 55.32 -0.62
CA ARG E 204 7.76 54.44 -1.64
C ARG E 204 7.36 52.98 -1.39
N ASN E 205 6.92 52.62 -0.15
CA ASN E 205 6.48 51.25 0.13
C ASN E 205 5.09 51.01 -0.46
N HIS E 206 4.98 49.94 -1.26
CA HIS E 206 3.80 49.59 -2.04
C HIS E 206 3.23 48.23 -1.61
N PHE E 207 1.95 48.20 -1.25
CA PHE E 207 1.28 47.02 -0.70
C PHE E 207 0.12 46.65 -1.60
N ARG E 208 0.19 45.47 -2.20
CA ARG E 208 -0.89 45.03 -3.07
C ARG E 208 -1.43 43.67 -2.64
N CYS E 209 -2.76 43.58 -2.55
N CYS E 209 -2.78 43.53 -2.51
CA CYS E 209 -3.47 42.34 -2.28
CA CYS E 209 -3.38 42.25 -2.20
C CYS E 209 -3.91 41.79 -3.63
C CYS E 209 -4.03 41.69 -3.46
N GLN E 210 -3.50 40.55 -3.93
CA GLN E 210 -3.84 39.89 -5.17
C GLN E 210 -4.80 38.76 -4.92
N VAL E 211 -5.91 38.72 -5.67
CA VAL E 211 -6.89 37.64 -5.55
C VAL E 211 -6.95 36.89 -6.90
N GLN E 212 -6.45 35.62 -6.92
CA GLN E 212 -6.56 34.81 -8.14
C GLN E 212 -7.92 34.10 -8.02
N PHE E 213 -8.81 34.34 -8.99
CA PHE E 213 -10.14 33.72 -9.01
C PHE E 213 -10.19 32.70 -10.13
N TYR E 214 -10.81 31.56 -9.88
CA TYR E 214 -10.94 30.47 -10.84
C TYR E 214 -12.42 30.44 -11.28
N GLY E 215 -12.67 30.70 -12.56
CA GLY E 215 -14.03 30.80 -13.06
C GLY E 215 -14.25 30.07 -14.37
N LEU E 216 -14.98 30.71 -15.28
CA LEU E 216 -15.28 30.12 -16.58
C LEU E 216 -14.06 30.07 -17.49
N SER E 217 -14.07 29.13 -18.44
CA SER E 217 -13.00 29.00 -19.41
C SER E 217 -13.46 29.74 -20.67
N GLU E 218 -12.61 29.81 -21.71
CA GLU E 218 -12.97 30.42 -23.00
C GLU E 218 -14.12 29.68 -23.69
N ASN E 219 -14.18 28.34 -23.55
CA ASN E 219 -15.23 27.49 -24.17
C ASN E 219 -16.60 27.61 -23.54
N ASP E 220 -16.66 27.97 -22.26
CA ASP E 220 -17.93 28.08 -21.57
C ASP E 220 -18.83 29.12 -22.24
N GLU E 221 -20.11 28.76 -22.35
CA GLU E 221 -21.13 29.60 -22.97
C GLU E 221 -21.45 30.74 -22.04
N TRP E 222 -21.65 31.95 -22.59
CA TRP E 222 -21.96 33.12 -21.77
C TRP E 222 -23.05 33.95 -22.40
N THR E 223 -24.21 33.99 -21.75
CA THR E 223 -25.37 34.71 -22.30
C THR E 223 -25.80 35.99 -21.55
N GLN E 224 -24.93 36.53 -20.68
CA GLN E 224 -25.24 37.75 -19.95
C GLN E 224 -24.59 38.91 -20.64
N ASP E 225 -25.06 40.13 -20.34
CA ASP E 225 -24.49 41.36 -20.85
C ASP E 225 -23.20 41.69 -20.08
N ARG E 226 -23.13 41.35 -18.77
CA ARG E 226 -21.92 41.61 -17.98
C ARG E 226 -20.74 40.83 -18.48
N ALA E 227 -19.51 41.29 -18.16
CA ALA E 227 -18.27 40.65 -18.54
C ALA E 227 -18.26 39.17 -18.10
N LYS E 228 -17.85 38.26 -19.01
CA LYS E 228 -17.77 36.83 -18.73
C LYS E 228 -16.82 36.61 -17.54
N PRO E 229 -17.29 35.92 -16.46
CA PRO E 229 -16.46 35.77 -15.24
C PRO E 229 -15.42 34.66 -15.38
N VAL E 230 -14.46 34.94 -16.25
CA VAL E 230 -13.37 34.04 -16.56
C VAL E 230 -12.38 33.98 -15.40
N THR E 231 -11.55 32.95 -15.40
CA THR E 231 -10.46 32.84 -14.44
C THR E 231 -9.62 34.13 -14.64
N GLN E 232 -9.26 34.79 -13.54
CA GLN E 232 -8.56 36.08 -13.64
C GLN E 232 -8.01 36.51 -12.29
N ILE E 233 -7.10 37.50 -12.34
CA ILE E 233 -6.59 38.11 -11.12
C ILE E 233 -7.29 39.45 -10.92
N VAL E 234 -7.75 39.70 -9.69
CA VAL E 234 -8.28 41.02 -9.32
C VAL E 234 -7.43 41.48 -8.13
N SER E 235 -6.87 42.70 -8.22
CA SER E 235 -6.03 43.27 -7.16
C SER E 235 -6.56 44.63 -6.69
N ALA E 236 -6.08 45.04 -5.50
CA ALA E 236 -6.26 46.38 -4.95
C ALA E 236 -4.92 46.73 -4.29
N GLU E 237 -4.61 48.03 -4.19
CA GLU E 237 -3.32 48.41 -3.64
C GLU E 237 -3.35 49.70 -2.85
N ALA E 238 -2.29 49.92 -2.06
CA ALA E 238 -2.11 51.12 -1.25
C ALA E 238 -0.63 51.43 -1.18
N TRP E 239 -0.31 52.71 -0.99
CA TRP E 239 1.08 53.16 -0.79
C TRP E 239 1.21 53.68 0.61
N GLY E 240 2.42 53.61 1.17
CA GLY E 240 2.65 54.14 2.49
C GLY E 240 2.38 55.63 2.61
N ARG E 241 2.23 56.10 3.85
CA ARG E 241 1.92 57.49 4.13
C ARG E 241 2.90 58.14 5.08
N ALA E 242 3.67 59.09 4.53
CA ALA E 242 4.66 59.89 5.26
C ALA E 242 3.99 60.91 6.17
N ASP E 243 4.76 61.46 7.13
CA ASP E 243 4.28 62.48 8.08
C ASP E 243 4.15 63.84 7.39
N ALA E 244 3.66 64.86 8.15
CA ALA E 244 3.50 66.23 7.68
C ALA E 244 4.85 66.87 7.29
N SER E 245 5.97 66.33 7.83
CA SER E 245 7.34 66.78 7.53
C SER E 245 7.83 66.25 6.17
N GLY E 246 7.19 65.18 5.67
CA GLY E 246 7.53 64.56 4.40
C GLY E 246 8.85 63.80 4.43
N LEU E 247 9.34 63.51 5.64
CA LEU E 247 10.58 62.77 5.84
C LEU E 247 10.23 61.37 6.28
N VAL E 248 10.74 60.39 5.54
CA VAL E 248 10.60 58.96 5.84
C VAL E 248 11.42 58.71 7.14
N PRO E 249 10.83 58.06 8.18
CA PRO E 249 11.61 57.81 9.41
C PRO E 249 12.69 56.77 9.21
N ARG E 250 13.88 57.04 9.78
CA ARG E 250 15.10 56.24 9.69
C ARG E 250 14.97 54.85 10.36
#